data_6FSU
#
_entry.id   6FSU
#
_cell.length_a   122.737
_cell.length_b   159.378
_cell.length_c   55.926
_cell.angle_alpha   90.00
_cell.angle_beta   90.00
_cell.angle_gamma   90.00
#
_symmetry.space_group_name_H-M   'P 21 21 2'
#
loop_
_entity.id
_entity.type
_entity.pdbx_description
1 polymer 'Outer membrane protein assembly factor BamA'
2 water water
#
_entity_poly.entity_id   1
_entity_poly.type   'polypeptide(L)'
_entity_poly.pdbx_seq_one_letter_code
;MGSSHHHHHHSSGENLYFQHMRNTGSFNFGIGYGTESGVSFQAGVQQDNWLGTGYAVGINGTKNDYQTYAELSVTNPYFT
VDGVSLGGRLFYNDFQADDADLSDYTNKSYGTDVTLGFPINEYNSLRAGLGYVHNSLSNMQPQVAMWRYLYSMGEHPSTS
DQDNSFKTDDFTFNYGWTYNKLDRGYFPTDGSRVNLTGKVTIPGSDNEYYKVTLDTATYVPIDDDHKWVVLGRTRWGYGD
GLGGKEMPFYENFYAGGSSTVRGFQSNTIGPKAVYFPHQASNYDPDYDYESATQDGAKDLSKSDDAVGGNAMAVASLEFI
TPTPFISDKYANSVRTSFFWDMGTVWDTNWDSSQYSGYPDYSDPSNIRMSAGIALQWMSPLGPLVFSYAQPFKKYDGDKA
EQFQFNIGKTWMENVALDFS
;
_entity_poly.pdbx_strand_id   A,B
#
# COMPACT_ATOMS: atom_id res chain seq x y z
N GLY A 13 12.96 0.02 40.11
CA GLY A 13 13.97 0.68 39.24
C GLY A 13 15.28 -0.09 39.05
N GLU A 14 15.74 -0.75 40.12
CA GLU A 14 17.08 -1.42 40.18
C GLU A 14 17.21 -2.72 39.32
N ASN A 15 16.10 -3.37 39.00
CA ASN A 15 16.04 -4.44 37.95
C ASN A 15 16.55 -4.00 36.55
N LEU A 16 16.66 -2.68 36.32
CA LEU A 16 17.25 -2.15 35.10
C LEU A 16 18.78 -2.36 35.12
N TYR A 17 19.42 -2.43 36.31
CA TYR A 17 20.80 -2.94 36.44
C TYR A 17 20.88 -4.34 35.80
N PHE A 18 20.23 -5.36 36.39
CA PHE A 18 20.41 -6.77 35.96
C PHE A 18 19.96 -7.04 34.52
N GLN A 19 18.94 -6.34 34.04
CA GLN A 19 18.50 -6.43 32.65
C GLN A 19 19.60 -5.94 31.69
N HIS A 20 20.11 -4.71 31.92
CA HIS A 20 21.13 -4.09 31.03
C HIS A 20 22.51 -4.78 31.09
N MET A 21 22.75 -5.55 32.17
CA MET A 21 23.94 -6.42 32.35
C MET A 21 23.77 -7.84 31.84
N ARG A 22 22.56 -8.37 31.65
CA ARG A 22 22.45 -9.76 31.16
C ARG A 22 22.57 -9.88 29.63
N ASN A 23 23.31 -10.89 29.19
CA ASN A 23 23.57 -11.12 27.77
C ASN A 23 23.74 -12.60 27.59
N THR A 24 22.99 -13.21 26.69
CA THR A 24 23.15 -14.61 26.42
C THR A 24 23.59 -14.75 25.01
N GLY A 25 24.37 -15.77 24.76
CA GLY A 25 24.82 -16.14 23.42
C GLY A 25 24.34 -17.54 23.07
N SER A 26 23.94 -17.70 21.83
CA SER A 26 23.36 -18.94 21.34
C SER A 26 24.04 -19.33 20.07
N PHE A 27 24.60 -20.55 20.01
CA PHE A 27 24.97 -21.19 18.73
C PHE A 27 23.69 -21.92 18.34
N ASN A 28 23.37 -21.95 17.06
CA ASN A 28 22.37 -22.94 16.56
C ASN A 28 22.74 -23.62 15.25
N PHE A 29 22.61 -24.94 15.28
CA PHE A 29 22.80 -25.80 14.15
C PHE A 29 21.40 -26.31 13.72
N GLY A 30 21.25 -26.63 12.45
CA GLY A 30 20.05 -27.27 11.94
C GLY A 30 20.37 -28.21 10.80
N ILE A 31 19.87 -29.43 10.86
CA ILE A 31 19.91 -30.29 9.69
C ILE A 31 18.47 -30.72 9.27
N GLY A 32 18.28 -30.95 7.97
CA GLY A 32 16.99 -31.35 7.46
C GLY A 32 17.07 -31.86 6.05
N TYR A 33 16.05 -32.62 5.66
CA TYR A 33 15.94 -33.18 4.31
C TYR A 33 14.53 -32.93 3.84
N GLY A 34 14.37 -32.51 2.59
CA GLY A 34 13.04 -32.40 1.98
C GLY A 34 13.03 -32.72 0.50
N THR A 35 11.88 -33.09 -0.05
CA THR A 35 11.83 -33.27 -1.46
C THR A 35 11.88 -31.93 -2.20
N GLU A 36 11.34 -30.85 -1.64
CA GLU A 36 11.57 -29.54 -2.26
C GLU A 36 13.06 -29.15 -2.34
N SER A 37 13.72 -29.21 -1.20
CA SER A 37 14.93 -28.45 -0.96
C SER A 37 16.18 -29.28 -1.05
N GLY A 38 16.05 -30.60 -0.93
CA GLY A 38 17.21 -31.43 -0.81
C GLY A 38 17.63 -31.46 0.62
N VAL A 39 18.91 -31.76 0.81
CA VAL A 39 19.53 -31.72 2.11
C VAL A 39 19.80 -30.27 2.45
N SER A 40 19.57 -29.94 3.71
CA SER A 40 19.43 -28.57 4.25
C SER A 40 20.31 -28.38 5.46
N PHE A 41 21.05 -27.28 5.49
CA PHE A 41 21.73 -26.91 6.74
C PHE A 41 21.42 -25.48 7.15
N GLN A 42 21.37 -25.30 8.47
CA GLN A 42 21.31 -24.01 9.14
C GLN A 42 22.51 -23.85 10.12
N ALA A 43 23.21 -22.71 10.14
CA ALA A 43 24.06 -22.40 11.30
C ALA A 43 24.04 -20.92 11.64
N GLY A 44 24.15 -20.62 12.92
CA GLY A 44 23.83 -19.29 13.40
C GLY A 44 24.51 -19.05 14.72
N VAL A 45 24.93 -17.81 14.97
CA VAL A 45 25.49 -17.50 16.27
C VAL A 45 25.03 -16.14 16.64
N GLN A 46 24.66 -15.91 17.89
CA GLN A 46 24.19 -14.58 18.29
C GLN A 46 24.28 -14.28 19.76
N GLN A 47 24.24 -12.99 20.08
CA GLN A 47 24.14 -12.47 21.43
C GLN A 47 22.90 -11.62 21.48
N ASP A 48 22.16 -11.65 22.58
CA ASP A 48 20.84 -10.97 22.56
C ASP A 48 20.81 -9.57 23.23
N ASN A 49 21.84 -9.21 23.97
CA ASN A 49 22.03 -7.86 24.49
C ASN A 49 23.44 -7.37 24.23
N TRP A 50 23.75 -7.15 22.97
CA TRP A 50 25.12 -6.97 22.49
C TRP A 50 25.73 -5.71 23.01
N LEU A 51 26.85 -5.83 23.73
CA LEU A 51 27.47 -4.66 24.37
C LEU A 51 26.45 -3.93 25.26
N GLY A 52 25.48 -4.61 25.83
CA GLY A 52 24.49 -3.90 26.65
C GLY A 52 23.82 -2.80 25.82
N THR A 53 23.32 -3.13 24.65
CA THR A 53 22.65 -2.12 23.85
C THR A 53 21.13 -2.37 23.72
N GLY A 54 20.68 -3.55 24.15
CA GLY A 54 19.31 -4.01 23.92
C GLY A 54 19.10 -4.74 22.60
N TYR A 55 20.01 -4.55 21.64
CA TYR A 55 19.89 -5.18 20.35
C TYR A 55 20.39 -6.62 20.46
N ALA A 56 19.70 -7.52 19.77
CA ALA A 56 20.17 -8.84 19.56
C ALA A 56 20.86 -8.77 18.20
N VAL A 57 22.12 -9.23 18.15
CA VAL A 57 22.97 -9.27 16.98
C VAL A 57 23.43 -10.70 16.71
N GLY A 58 23.36 -11.11 15.44
CA GLY A 58 23.57 -12.50 15.05
C GLY A 58 24.10 -12.64 13.63
N ILE A 59 24.70 -13.80 13.37
CA ILE A 59 25.21 -14.10 12.06
C ILE A 59 24.69 -15.47 11.78
N ASN A 60 24.00 -15.66 10.66
CA ASN A 60 23.40 -16.98 10.36
C ASN A 60 23.31 -17.25 8.87
N GLY A 61 23.42 -18.55 8.54
CA GLY A 61 23.50 -19.00 7.17
C GLY A 61 22.71 -20.29 6.91
N THR A 62 22.32 -20.49 5.65
CA THR A 62 21.53 -21.64 5.21
C THR A 62 22.05 -22.18 3.86
N LYS A 63 21.84 -23.48 3.60
CA LYS A 63 22.19 -24.08 2.31
C LYS A 63 21.19 -25.22 1.97
N ASN A 64 20.65 -25.12 0.75
CA ASN A 64 19.79 -26.05 0.04
C ASN A 64 20.54 -26.54 -1.17
N ASP A 65 19.93 -27.47 -1.90
CA ASP A 65 20.36 -27.73 -3.24
C ASP A 65 20.41 -26.48 -4.12
N TYR A 66 19.49 -25.54 -3.97
CA TYR A 66 19.44 -24.41 -4.91
C TYR A 66 19.84 -23.06 -4.32
N GLN A 67 19.92 -22.94 -3.00
CA GLN A 67 20.11 -21.66 -2.39
C GLN A 67 21.08 -21.69 -1.21
N THR A 68 22.04 -20.79 -1.24
CA THR A 68 22.92 -20.51 -0.10
C THR A 68 22.66 -19.05 0.34
N TYR A 69 22.47 -18.82 1.64
CA TYR A 69 22.12 -17.50 2.19
C TYR A 69 22.95 -17.13 3.43
N ALA A 70 23.35 -15.87 3.60
CA ALA A 70 23.99 -15.45 4.89
C ALA A 70 23.68 -14.01 5.32
N GLU A 71 23.65 -13.78 6.61
CA GLU A 71 23.30 -12.49 7.09
C GLU A 71 23.88 -12.09 8.42
N LEU A 72 24.05 -10.79 8.56
CA LEU A 72 24.14 -10.13 9.85
C LEU A 72 22.71 -9.69 10.12
N SER A 73 22.24 -9.89 11.34
CA SER A 73 20.87 -9.59 11.71
C SER A 73 20.94 -8.77 13.03
N VAL A 74 20.36 -7.57 13.05
CA VAL A 74 20.33 -6.72 14.25
C VAL A 74 18.88 -6.56 14.58
N THR A 75 18.45 -6.75 15.83
CA THR A 75 17.00 -6.58 16.10
C THR A 75 16.67 -6.27 17.55
N ASN A 76 16.00 -5.15 17.81
CA ASN A 76 15.59 -4.77 19.17
C ASN A 76 14.09 -4.78 19.32
N PRO A 77 13.52 -5.77 20.05
CA PRO A 77 12.03 -5.87 20.15
C PRO A 77 11.34 -4.71 20.94
N TYR A 78 12.13 -4.01 21.78
CA TYR A 78 11.68 -2.80 22.55
C TYR A 78 12.50 -1.59 22.19
N PHE A 79 12.52 -1.32 20.91
CA PHE A 79 12.84 0.00 20.43
C PHE A 79 12.05 1.13 21.11
N THR A 80 10.80 0.86 21.55
CA THR A 80 10.03 1.84 22.39
C THR A 80 9.46 1.01 23.49
N VAL A 81 9.09 1.70 24.57
CA VAL A 81 8.59 1.05 25.78
C VAL A 81 7.30 0.30 25.42
N ASP A 82 6.55 0.83 24.43
CA ASP A 82 5.29 0.25 23.94
C ASP A 82 5.37 -1.08 23.18
N GLY A 83 6.55 -1.56 22.81
CA GLY A 83 6.67 -2.80 22.03
C GLY A 83 6.95 -2.67 20.54
N VAL A 84 7.13 -1.44 20.04
CA VAL A 84 7.62 -1.24 18.67
C VAL A 84 9.06 -1.72 18.56
N SER A 85 9.33 -2.45 17.47
CA SER A 85 10.59 -3.19 17.30
C SER A 85 11.28 -2.63 16.09
N LEU A 86 12.61 -2.62 16.14
CA LEU A 86 13.46 -2.16 15.02
C LEU A 86 14.47 -3.23 14.76
N GLY A 87 14.46 -3.66 13.50
CA GLY A 87 15.12 -4.87 12.98
C GLY A 87 15.81 -4.46 11.68
N GLY A 88 16.83 -5.24 11.34
CA GLY A 88 17.82 -4.87 10.32
C GLY A 88 18.44 -6.13 9.78
N ARG A 89 19.04 -6.07 8.61
CA ARG A 89 19.66 -7.25 8.07
C ARG A 89 20.63 -6.88 6.97
N LEU A 90 21.78 -7.55 6.93
CA LEU A 90 22.72 -7.46 5.79
C LEU A 90 22.96 -8.89 5.33
N PHE A 91 22.83 -9.11 4.03
CA PHE A 91 22.73 -10.43 3.49
C PHE A 91 23.41 -10.57 2.17
N TYR A 92 23.76 -11.85 1.91
CA TYR A 92 24.23 -12.37 0.64
C TYR A 92 23.38 -13.58 0.31
N ASN A 93 22.91 -13.67 -0.93
CA ASN A 93 22.18 -14.80 -1.41
C ASN A 93 22.77 -15.25 -2.72
N ASP A 94 22.87 -16.55 -2.90
CA ASP A 94 23.14 -17.17 -4.17
C ASP A 94 22.01 -18.18 -4.46
N PHE A 95 21.32 -18.00 -5.60
CA PHE A 95 20.19 -18.81 -6.02
C PHE A 95 20.48 -19.33 -7.39
N GLN A 96 20.40 -20.65 -7.51
CA GLN A 96 20.74 -21.41 -8.69
C GLN A 96 19.45 -22.04 -9.22
N ALA A 97 18.80 -21.36 -10.15
CA ALA A 97 17.40 -21.63 -10.46
C ALA A 97 17.17 -23.06 -10.95
N ASP A 98 18.04 -23.57 -11.78
CA ASP A 98 17.83 -24.92 -12.27
C ASP A 98 17.86 -26.04 -11.19
N ASP A 99 18.45 -25.85 -10.00
CA ASP A 99 18.29 -26.84 -8.91
C ASP A 99 16.94 -26.57 -8.18
N ALA A 100 16.24 -25.50 -8.52
CA ALA A 100 14.88 -25.28 -8.11
C ALA A 100 13.83 -25.73 -9.20
N ASP A 101 14.24 -26.57 -10.14
CA ASP A 101 13.39 -27.10 -11.22
C ASP A 101 12.75 -26.00 -12.08
N LEU A 102 13.46 -24.87 -12.25
CA LEU A 102 13.09 -23.81 -13.18
C LEU A 102 14.05 -23.81 -14.38
N SER A 103 13.77 -23.05 -15.43
CA SER A 103 14.80 -22.89 -16.47
C SER A 103 15.95 -22.17 -15.81
N ASP A 104 17.12 -22.33 -16.39
CA ASP A 104 18.35 -21.99 -15.68
C ASP A 104 18.67 -20.49 -15.68
N TYR A 105 19.19 -20.05 -14.52
CA TYR A 105 19.94 -18.83 -14.36
C TYR A 105 20.56 -18.88 -13.01
N THR A 106 21.45 -17.91 -12.77
CA THR A 106 22.16 -17.74 -11.50
C THR A 106 21.86 -16.32 -11.02
N ASN A 107 21.45 -16.19 -9.77
CA ASN A 107 21.15 -14.90 -9.20
C ASN A 107 21.96 -14.76 -7.94
N LYS A 108 22.98 -13.91 -7.99
CA LYS A 108 23.77 -13.61 -6.81
C LYS A 108 23.40 -12.21 -6.34
N SER A 109 22.85 -12.11 -5.15
CA SER A 109 22.41 -10.84 -4.66
C SER A 109 22.99 -10.58 -3.30
N TYR A 110 22.90 -9.33 -2.93
CA TYR A 110 23.21 -8.89 -1.60
C TYR A 110 22.39 -7.62 -1.34
N GLY A 111 22.23 -7.29 -0.07
CA GLY A 111 21.57 -6.03 0.29
C GLY A 111 21.22 -5.90 1.74
N THR A 112 20.21 -5.10 2.00
CA THR A 112 20.01 -4.68 3.33
C THR A 112 18.59 -4.30 3.49
N ASP A 113 18.08 -4.53 4.70
CA ASP A 113 16.69 -4.27 5.05
C ASP A 113 16.62 -3.69 6.44
N VAL A 114 15.73 -2.74 6.68
CA VAL A 114 15.45 -2.25 8.05
C VAL A 114 13.94 -2.13 8.17
N THR A 115 13.41 -2.63 9.27
CA THR A 115 11.95 -2.93 9.49
C THR A 115 11.53 -2.53 10.91
N LEU A 116 10.71 -1.46 10.94
CA LEU A 116 9.83 -1.10 12.08
C LEU A 116 8.69 -2.16 12.20
N GLY A 117 8.51 -2.84 13.34
CA GLY A 117 7.24 -3.57 13.61
C GLY A 117 6.33 -3.04 14.74
N PHE A 118 5.01 -2.96 14.51
CA PHE A 118 4.05 -2.46 15.50
C PHE A 118 3.03 -3.53 15.96
N PRO A 119 2.98 -3.89 17.28
CA PRO A 119 1.88 -4.71 17.85
C PRO A 119 0.58 -4.00 18.13
N ILE A 120 -0.20 -3.89 17.08
CA ILE A 120 -1.56 -3.29 17.15
C ILE A 120 -2.37 -3.77 18.36
N ASN A 121 -2.32 -5.10 18.58
CA ASN A 121 -2.95 -5.81 19.70
C ASN A 121 -2.38 -7.22 19.70
N GLU A 122 -2.76 -8.03 20.69
CA GLU A 122 -2.26 -9.35 20.94
C GLU A 122 -2.39 -10.30 19.76
N TYR A 123 -3.28 -10.07 18.78
CA TYR A 123 -3.37 -10.89 17.48
C TYR A 123 -2.94 -10.24 16.16
N ASN A 124 -2.62 -8.96 16.16
CA ASN A 124 -2.31 -8.24 14.93
C ASN A 124 -1.00 -7.48 15.00
N SER A 125 -0.12 -7.66 14.02
CA SER A 125 1.01 -6.78 13.91
C SER A 125 1.14 -6.23 12.51
N LEU A 126 1.81 -5.07 12.44
CA LEU A 126 2.16 -4.46 11.18
C LEU A 126 3.64 -4.14 11.07
N ARG A 127 4.11 -3.99 9.84
CA ARG A 127 5.50 -3.81 9.51
C ARG A 127 5.65 -2.74 8.46
N ALA A 128 6.62 -1.87 8.60
CA ALA A 128 7.04 -1.00 7.55
C ALA A 128 8.56 -1.01 7.54
N GLY A 129 9.15 -1.06 6.35
CA GLY A 129 10.59 -1.03 6.19
C GLY A 129 11.05 -0.49 4.84
N LEU A 130 12.35 -0.32 4.73
CA LEU A 130 13.00 0.08 3.49
C LEU A 130 14.02 -1.01 3.23
N GLY A 131 14.17 -1.32 1.96
CA GLY A 131 15.10 -2.28 1.56
C GLY A 131 15.90 -1.84 0.36
N TYR A 132 17.15 -2.26 0.32
CA TYR A 132 18.00 -2.09 -0.84
C TYR A 132 18.41 -3.50 -1.26
N VAL A 133 18.45 -3.78 -2.56
CA VAL A 133 19.06 -5.03 -3.04
C VAL A 133 19.79 -4.80 -4.37
N HIS A 134 20.96 -5.45 -4.45
CA HIS A 134 21.64 -5.61 -5.71
C HIS A 134 21.48 -7.06 -6.15
N ASN A 135 21.18 -7.21 -7.44
CA ASN A 135 21.03 -8.50 -8.10
C ASN A 135 21.97 -8.63 -9.26
N SER A 136 22.68 -9.78 -9.29
CA SER A 136 23.56 -10.12 -10.37
C SER A 136 23.07 -11.39 -11.02
N LEU A 137 22.58 -11.27 -12.26
CA LEU A 137 22.18 -12.41 -13.05
C LEU A 137 23.14 -12.82 -14.12
N SER A 138 23.29 -14.13 -14.24
CA SER A 138 24.19 -14.72 -15.22
C SER A 138 23.61 -16.08 -15.60
N ASN A 139 24.21 -16.71 -16.59
CA ASN A 139 23.87 -18.05 -17.03
C ASN A 139 22.41 -18.21 -17.46
N MET A 140 21.90 -17.24 -18.21
CA MET A 140 20.50 -17.26 -18.59
C MET A 140 20.39 -17.88 -19.96
N GLN A 141 19.84 -19.11 -20.10
CA GLN A 141 19.65 -19.70 -21.45
C GLN A 141 18.60 -18.83 -22.07
N PRO A 142 18.81 -18.28 -23.28
CA PRO A 142 17.80 -17.34 -23.83
C PRO A 142 16.38 -17.93 -24.09
N GLN A 143 15.35 -17.27 -23.56
CA GLN A 143 13.99 -17.75 -23.69
C GLN A 143 13.08 -16.55 -23.66
N VAL A 144 11.82 -16.77 -24.05
CA VAL A 144 10.95 -15.66 -24.43
C VAL A 144 10.57 -14.78 -23.25
N ALA A 145 9.98 -15.38 -22.20
CA ALA A 145 9.48 -14.57 -21.08
C ALA A 145 10.67 -13.81 -20.49
N MET A 146 11.78 -14.49 -20.29
CA MET A 146 12.94 -13.90 -19.65
C MET A 146 13.44 -12.73 -20.48
N TRP A 147 13.67 -12.98 -21.77
CA TRP A 147 14.17 -11.93 -22.67
C TRP A 147 13.26 -10.68 -22.84
N ARG A 148 11.96 -10.88 -22.73
CA ARG A 148 11.00 -9.82 -22.80
C ARG A 148 11.12 -8.95 -21.56
N TYR A 149 11.51 -9.50 -20.42
CA TYR A 149 11.80 -8.64 -19.27
C TYR A 149 13.06 -7.80 -19.55
N LEU A 150 14.10 -8.48 -20.04
CA LEU A 150 15.33 -7.84 -20.39
C LEU A 150 15.14 -6.69 -21.35
N TYR A 151 14.39 -6.91 -22.43
CA TYR A 151 14.18 -5.85 -23.41
C TYR A 151 13.39 -4.70 -22.79
N SER A 152 12.52 -4.98 -21.85
CA SER A 152 11.74 -3.89 -21.27
C SER A 152 12.63 -2.96 -20.44
N MET A 153 13.76 -3.49 -19.94
CA MET A 153 14.80 -2.74 -19.25
C MET A 153 15.80 -1.99 -20.13
N GLY A 154 15.68 -2.05 -21.45
CA GLY A 154 16.60 -1.38 -22.36
C GLY A 154 17.73 -2.27 -22.82
N GLU A 155 17.85 -3.46 -22.26
CA GLU A 155 18.94 -4.38 -22.64
C GLU A 155 18.54 -5.10 -23.88
N HIS A 156 19.44 -5.32 -24.83
CA HIS A 156 19.13 -6.17 -25.98
C HIS A 156 20.16 -7.27 -26.06
N PRO A 157 19.96 -8.35 -25.30
CA PRO A 157 20.93 -9.43 -25.47
C PRO A 157 20.73 -10.15 -26.77
N SER A 158 21.81 -10.75 -27.26
CA SER A 158 21.71 -11.71 -28.35
C SER A 158 20.94 -12.96 -27.86
N THR A 159 20.21 -13.58 -28.77
CA THR A 159 19.40 -14.74 -28.47
C THR A 159 20.05 -16.04 -28.87
N SER A 160 21.31 -16.01 -29.32
CA SER A 160 22.09 -17.21 -29.62
C SER A 160 23.24 -17.44 -28.65
N ASP A 161 23.45 -16.50 -27.72
CA ASP A 161 24.64 -16.42 -26.89
C ASP A 161 24.16 -16.78 -25.50
N GLN A 162 24.66 -17.92 -25.00
CA GLN A 162 24.12 -18.55 -23.78
C GLN A 162 24.65 -17.95 -22.50
N ASP A 163 24.86 -16.63 -22.50
CA ASP A 163 25.27 -15.94 -21.29
C ASP A 163 24.34 -14.75 -20.90
N ASN A 164 24.77 -14.14 -19.79
CA ASN A 164 24.73 -12.73 -19.57
C ASN A 164 25.52 -12.32 -18.29
N SER A 165 25.60 -11.01 -18.21
CA SER A 165 25.56 -10.26 -17.02
C SER A 165 24.27 -9.41 -17.19
N PHE A 166 23.45 -9.33 -16.16
CA PHE A 166 22.50 -8.24 -16.06
C PHE A 166 22.45 -7.93 -14.58
N LYS A 167 22.65 -6.66 -14.21
CA LYS A 167 22.73 -6.24 -12.83
C LYS A 167 21.80 -5.12 -12.55
N THR A 168 21.12 -5.15 -11.42
CA THR A 168 20.15 -4.12 -11.06
C THR A 168 20.38 -3.75 -9.63
N ASP A 169 20.05 -2.51 -9.31
CA ASP A 169 20.09 -1.99 -7.95
C ASP A 169 18.72 -1.42 -7.70
N ASP A 170 18.02 -1.99 -6.75
CA ASP A 170 16.68 -1.60 -6.37
C ASP A 170 16.63 -1.12 -4.91
N PHE A 171 15.79 -0.14 -4.64
CA PHE A 171 15.41 0.22 -3.28
C PHE A 171 13.90 0.10 -3.16
N THR A 172 13.40 -0.34 -2.03
CA THR A 172 11.99 -0.68 -1.96
C THR A 172 11.38 -0.07 -0.72
N PHE A 173 10.06 0.09 -0.75
CA PHE A 173 9.34 0.28 0.48
C PHE A 173 8.61 -0.99 0.70
N ASN A 174 8.61 -1.49 1.91
CA ASN A 174 8.02 -2.83 2.26
C ASN A 174 7.03 -2.75 3.45
N TYR A 175 5.88 -3.36 3.31
CA TYR A 175 4.87 -3.30 4.33
C TYR A 175 4.35 -4.74 4.51
N GLY A 176 3.70 -4.94 5.65
CA GLY A 176 2.98 -6.19 5.89
C GLY A 176 2.05 -6.14 7.06
N TRP A 177 1.18 -7.15 7.11
CA TRP A 177 0.22 -7.26 8.16
C TRP A 177 0.03 -8.70 8.52
N THR A 178 0.09 -9.01 9.79
CA THR A 178 -0.13 -10.38 10.12
C THR A 178 -1.14 -10.43 11.19
N TYR A 179 -2.19 -11.22 10.93
CA TYR A 179 -3.21 -11.59 11.88
C TYR A 179 -2.97 -13.06 12.19
N ASN A 180 -2.94 -13.37 13.48
CA ASN A 180 -2.76 -14.70 14.00
C ASN A 180 -3.59 -14.88 15.27
N LYS A 181 -4.58 -15.79 15.15
CA LYS A 181 -5.36 -16.25 16.29
C LYS A 181 -5.54 -17.79 16.29
N LEU A 182 -4.52 -18.51 15.87
CA LEU A 182 -4.55 -19.95 15.97
C LEU A 182 -4.56 -20.31 17.44
N ASP A 183 -5.27 -21.35 17.81
CA ASP A 183 -5.30 -21.79 19.23
C ASP A 183 -3.96 -22.39 19.73
N ARG A 184 -3.22 -23.06 18.84
CA ARG A 184 -1.98 -23.79 19.20
C ARG A 184 -0.97 -23.59 18.11
N GLY A 185 0.31 -23.60 18.50
CA GLY A 185 1.44 -23.54 17.57
C GLY A 185 1.51 -24.73 16.61
N TYR A 186 1.90 -25.92 17.07
CA TYR A 186 2.12 -27.05 16.12
C TYR A 186 0.85 -27.69 15.49
N PHE A 187 -0.15 -28.09 16.27
CA PHE A 187 -1.35 -28.79 15.71
C PHE A 187 -2.58 -27.95 15.98
N PRO A 188 -2.80 -26.96 15.09
CA PRO A 188 -3.91 -26.02 15.28
C PRO A 188 -5.22 -26.64 15.03
N THR A 189 -6.23 -26.02 15.56
CA THR A 189 -7.50 -26.64 15.65
C THR A 189 -8.67 -25.69 15.44
N ASP A 190 -8.42 -24.38 15.32
CA ASP A 190 -9.39 -23.32 15.57
C ASP A 190 -8.75 -21.94 15.29
N GLY A 191 -9.38 -21.14 14.49
CA GLY A 191 -8.91 -19.80 14.25
C GLY A 191 -8.21 -19.66 12.91
N SER A 192 -7.80 -18.43 12.65
CA SER A 192 -7.20 -18.10 11.39
C SER A 192 -5.85 -17.39 11.57
N ARG A 193 -5.02 -17.57 10.54
CA ARG A 193 -3.83 -16.81 10.31
C ARG A 193 -3.96 -16.18 8.94
N VAL A 194 -3.77 -14.85 8.90
CA VAL A 194 -3.64 -14.09 7.67
C VAL A 194 -2.28 -13.41 7.65
N ASN A 195 -1.69 -13.37 6.48
CA ASN A 195 -0.52 -12.58 6.24
C ASN A 195 -0.48 -11.92 4.90
N LEU A 196 -0.15 -10.66 4.91
CA LEU A 196 0.03 -9.85 3.72
C LEU A 196 1.42 -9.30 3.72
N THR A 197 2.04 -9.29 2.58
CA THR A 197 3.42 -8.80 2.46
C THR A 197 3.50 -8.05 1.14
N GLY A 198 3.71 -6.74 1.21
CA GLY A 198 3.82 -6.00 -0.02
C GLY A 198 5.12 -5.31 -0.19
N LYS A 199 5.48 -5.02 -1.44
CA LYS A 199 6.52 -4.03 -1.73
C LYS A 199 6.34 -3.26 -3.02
N VAL A 200 6.98 -2.12 -3.08
CA VAL A 200 6.94 -1.28 -4.27
C VAL A 200 8.33 -0.63 -4.35
N THR A 201 8.77 -0.39 -5.54
CA THR A 201 10.05 0.14 -5.76
C THR A 201 9.97 1.69 -5.54
N ILE A 202 11.05 2.35 -5.14
CA ILE A 202 11.04 3.79 -4.93
C ILE A 202 12.04 4.45 -5.87
N PRO A 203 11.84 5.74 -6.16
CA PRO A 203 12.65 6.34 -7.22
C PRO A 203 14.12 6.20 -6.95
N GLY A 204 14.93 6.06 -8.00
CA GLY A 204 16.33 5.62 -7.84
C GLY A 204 16.58 4.17 -8.19
N SER A 205 15.53 3.31 -8.18
CA SER A 205 15.71 1.89 -8.53
C SER A 205 15.90 1.75 -10.02
N ASP A 206 16.63 0.72 -10.39
CA ASP A 206 16.60 0.25 -11.76
C ASP A 206 15.30 -0.50 -12.04
N ASN A 207 14.88 -1.49 -11.26
CA ASN A 207 13.58 -2.07 -11.56
C ASN A 207 12.45 -1.09 -11.14
N GLU A 208 11.25 -1.34 -11.66
CA GLU A 208 10.09 -0.54 -11.35
C GLU A 208 8.83 -1.40 -11.32
N TYR A 209 8.42 -1.77 -10.11
CA TYR A 209 7.40 -2.74 -9.94
C TYR A 209 6.91 -2.77 -8.54
N TYR A 210 5.76 -3.42 -8.37
CA TYR A 210 5.16 -3.74 -7.08
C TYR A 210 4.90 -5.23 -6.99
N LYS A 211 4.82 -5.75 -5.78
CA LYS A 211 4.50 -7.14 -5.62
C LYS A 211 3.84 -7.31 -4.31
N VAL A 212 2.80 -8.13 -4.25
CA VAL A 212 1.93 -8.21 -3.06
C VAL A 212 1.52 -9.68 -2.86
N THR A 213 1.66 -10.23 -1.66
CA THR A 213 1.23 -11.60 -1.49
C THR A 213 0.26 -11.72 -0.30
N LEU A 214 -0.78 -12.60 -0.45
CA LEU A 214 -1.70 -12.88 0.64
C LEU A 214 -1.79 -14.35 0.88
N ASP A 215 -1.60 -14.73 2.15
CA ASP A 215 -1.67 -16.11 2.70
C ASP A 215 -2.80 -16.16 3.74
N THR A 216 -3.65 -17.16 3.72
CA THR A 216 -4.64 -17.32 4.79
C THR A 216 -4.76 -18.80 5.13
N ALA A 217 -4.94 -19.07 6.42
CA ALA A 217 -5.20 -20.41 6.92
C ALA A 217 -6.25 -20.33 8.02
N THR A 218 -7.26 -21.17 7.92
CA THR A 218 -8.42 -21.10 8.79
C THR A 218 -8.81 -22.50 9.19
N TYR A 219 -8.89 -22.71 10.49
CA TYR A 219 -9.14 -24.01 11.03
C TYR A 219 -10.51 -23.94 11.64
N VAL A 220 -11.36 -24.93 11.34
CA VAL A 220 -12.73 -25.00 11.86
C VAL A 220 -12.97 -26.41 12.45
N PRO A 221 -13.15 -26.49 13.76
CA PRO A 221 -13.39 -27.77 14.42
C PRO A 221 -14.83 -28.15 14.32
N ILE A 222 -15.11 -29.43 14.04
CA ILE A 222 -16.48 -29.93 13.98
C ILE A 222 -16.97 -30.42 15.38
N ASP A 223 -16.23 -31.32 16.02
CA ASP A 223 -16.65 -31.87 17.29
C ASP A 223 -16.17 -30.98 18.41
N ASP A 224 -16.67 -31.19 19.62
CA ASP A 224 -16.29 -30.40 20.80
C ASP A 224 -14.87 -30.68 21.19
N ASP A 225 -14.49 -31.96 21.10
CA ASP A 225 -13.11 -32.36 21.37
C ASP A 225 -12.06 -31.95 20.32
N HIS A 226 -12.46 -31.34 19.19
CA HIS A 226 -11.50 -30.69 18.27
C HIS A 226 -10.50 -31.65 17.61
N LYS A 227 -11.00 -32.86 17.39
CA LYS A 227 -10.26 -33.90 16.73
C LYS A 227 -10.66 -34.06 15.27
N TRP A 228 -11.79 -33.49 14.86
CA TRP A 228 -12.10 -33.38 13.45
C TRP A 228 -12.17 -31.91 13.10
N VAL A 229 -11.40 -31.48 12.10
CA VAL A 229 -11.22 -30.05 11.87
C VAL A 229 -11.10 -29.82 10.38
N VAL A 230 -11.84 -28.87 9.86
CA VAL A 230 -11.65 -28.53 8.48
C VAL A 230 -10.63 -27.42 8.44
N LEU A 231 -9.74 -27.49 7.48
CA LEU A 231 -8.72 -26.46 7.28
C LEU A 231 -8.75 -26.00 5.85
N GLY A 232 -8.96 -24.70 5.62
CA GLY A 232 -8.89 -24.10 4.31
C GLY A 232 -7.77 -23.09 4.30
N ARG A 233 -6.88 -23.23 3.31
CA ARG A 233 -5.72 -22.36 3.05
C ARG A 233 -5.94 -21.65 1.73
N THR A 234 -5.42 -20.43 1.62
CA THR A 234 -5.31 -19.83 0.30
C THR A 234 -4.02 -19.06 0.19
N ARG A 235 -3.52 -18.95 -1.04
CA ARG A 235 -2.28 -18.21 -1.29
C ARG A 235 -2.46 -17.45 -2.62
N TRP A 236 -2.05 -16.16 -2.58
CA TRP A 236 -2.39 -15.25 -3.69
C TRP A 236 -1.24 -14.34 -4.01
N GLY A 237 -0.72 -14.43 -5.22
CA GLY A 237 0.24 -13.46 -5.66
C GLY A 237 0.00 -12.65 -6.90
N TYR A 238 0.31 -11.36 -6.79
CA TYR A 238 0.31 -10.48 -7.94
C TYR A 238 1.41 -9.39 -7.88
N GLY A 239 2.26 -9.30 -8.91
CA GLY A 239 3.06 -8.13 -9.14
C GLY A 239 3.13 -7.69 -10.61
N ASP A 240 3.47 -6.43 -10.82
CA ASP A 240 3.70 -5.96 -12.16
C ASP A 240 4.63 -4.71 -12.25
N GLY A 241 5.01 -4.34 -13.46
CA GLY A 241 5.83 -3.20 -13.67
C GLY A 241 5.03 -1.94 -13.58
N LEU A 242 5.74 -0.83 -13.46
CA LEU A 242 5.10 0.49 -13.37
C LEU A 242 5.29 1.44 -14.57
N GLY A 243 6.44 1.43 -15.22
CA GLY A 243 6.68 2.47 -16.25
C GLY A 243 6.86 1.89 -17.62
N GLY A 244 6.19 0.78 -17.89
CA GLY A 244 6.51 0.06 -19.07
C GLY A 244 7.50 -1.01 -18.77
N LYS A 245 8.16 -1.01 -17.60
CA LYS A 245 9.00 -2.20 -17.28
C LYS A 245 8.17 -3.40 -16.74
N GLU A 246 8.68 -4.61 -16.82
CA GLU A 246 8.04 -5.72 -16.08
C GLU A 246 8.61 -5.90 -14.70
N MET A 247 7.82 -6.46 -13.81
CA MET A 247 8.39 -7.13 -12.65
C MET A 247 9.49 -8.08 -13.16
N PRO A 248 10.68 -8.08 -12.48
CA PRO A 248 11.77 -8.95 -12.84
C PRO A 248 11.44 -10.40 -12.57
N PHE A 249 11.67 -11.28 -13.53
CA PHE A 249 11.49 -12.75 -13.39
C PHE A 249 12.10 -13.35 -12.14
N TYR A 250 13.15 -12.73 -11.60
CA TYR A 250 13.77 -13.28 -10.39
C TYR A 250 12.85 -13.11 -9.15
N GLU A 251 11.74 -12.38 -9.27
CA GLU A 251 10.75 -12.21 -8.22
C GLU A 251 9.44 -12.96 -8.52
N ASN A 252 9.41 -13.74 -9.58
CA ASN A 252 8.24 -14.55 -9.90
C ASN A 252 7.70 -15.42 -8.75
N PHE A 253 6.39 -15.71 -8.89
CA PHE A 253 5.68 -16.67 -8.08
C PHE A 253 5.71 -18.06 -8.73
N TYR A 254 5.68 -19.08 -7.87
CA TYR A 254 5.78 -20.47 -8.23
C TYR A 254 4.67 -21.21 -7.54
N ALA A 255 4.47 -22.45 -7.94
CA ALA A 255 3.49 -23.26 -7.30
C ALA A 255 3.78 -24.71 -7.63
N GLY A 256 3.40 -25.59 -6.71
CA GLY A 256 3.62 -27.01 -6.84
C GLY A 256 4.62 -27.39 -5.80
N GLY A 257 4.45 -28.54 -5.17
CA GLY A 257 5.35 -29.00 -4.10
C GLY A 257 4.64 -29.13 -2.78
N SER A 258 5.41 -29.60 -1.80
CA SER A 258 4.89 -29.92 -0.45
C SER A 258 4.05 -28.83 0.23
N SER A 259 4.44 -27.58 0.05
CA SER A 259 3.84 -26.48 0.79
C SER A 259 2.82 -25.73 0.03
N THR A 260 2.61 -26.05 -1.26
CA THR A 260 1.57 -25.36 -2.04
C THR A 260 0.60 -26.34 -2.72
N VAL A 261 1.01 -27.10 -3.73
CA VAL A 261 0.06 -28.07 -4.34
C VAL A 261 0.73 -29.40 -4.29
N ARG A 262 0.38 -30.22 -3.32
CA ARG A 262 0.97 -31.55 -3.24
C ARG A 262 0.75 -32.39 -4.47
N GLY A 263 1.59 -33.41 -4.64
CA GLY A 263 1.48 -34.21 -5.84
C GLY A 263 2.14 -33.61 -7.04
N PHE A 264 2.62 -32.37 -6.96
CA PHE A 264 3.30 -31.73 -8.11
C PHE A 264 4.75 -31.51 -7.75
N GLN A 265 5.66 -31.68 -8.72
CA GLN A 265 7.13 -31.43 -8.49
C GLN A 265 7.34 -29.97 -8.15
N SER A 266 8.31 -29.63 -7.32
CA SER A 266 8.37 -28.24 -6.86
C SER A 266 8.51 -27.28 -8.03
N ASN A 267 7.69 -26.23 -7.97
CA ASN A 267 7.64 -25.11 -8.94
C ASN A 267 7.19 -25.39 -10.37
N THR A 268 6.77 -26.61 -10.66
CA THR A 268 6.54 -27.05 -12.01
C THR A 268 5.37 -26.33 -12.54
N ILE A 269 4.44 -25.90 -11.69
CA ILE A 269 3.20 -25.20 -12.21
C ILE A 269 3.38 -23.83 -12.92
N GLY A 270 2.82 -23.76 -14.13
CA GLY A 270 2.55 -22.51 -14.80
C GLY A 270 3.27 -22.40 -16.10
N PRO A 271 3.73 -21.21 -16.42
CA PRO A 271 4.43 -21.04 -17.69
C PRO A 271 5.63 -21.95 -17.83
N LYS A 272 5.97 -22.32 -19.06
CA LYS A 272 7.20 -23.04 -19.33
C LYS A 272 8.06 -22.26 -20.28
N ALA A 273 9.34 -22.52 -20.25
CA ALA A 273 10.23 -21.74 -21.02
C ALA A 273 10.01 -22.01 -22.48
N VAL A 274 10.13 -20.98 -23.28
CA VAL A 274 10.18 -21.16 -24.72
C VAL A 274 11.56 -20.59 -25.11
N TYR A 275 12.43 -21.51 -25.59
CA TYR A 275 13.83 -21.22 -25.80
C TYR A 275 14.05 -20.76 -27.24
N PHE A 276 14.95 -19.80 -27.47
CA PHE A 276 15.42 -19.42 -28.83
C PHE A 276 16.41 -20.50 -29.29
N PRO A 277 16.77 -20.55 -30.60
CA PRO A 277 17.80 -21.55 -31.01
C PRO A 277 19.24 -21.05 -30.82
N HIS A 278 20.21 -21.97 -30.71
CA HIS A 278 21.67 -21.64 -30.61
C HIS A 278 22.29 -20.89 -31.80
N ASP A 299 13.08 -20.85 -35.51
CA ASP A 299 13.00 -22.24 -35.01
C ASP A 299 13.13 -22.38 -33.48
N LEU A 300 12.25 -21.65 -32.81
CA LEU A 300 12.00 -21.72 -31.36
C LEU A 300 11.60 -23.14 -30.84
N SER A 301 11.75 -23.31 -29.51
CA SER A 301 11.63 -24.56 -28.80
C SER A 301 10.72 -24.48 -27.56
N LYS A 302 9.64 -25.27 -27.62
CA LYS A 302 8.83 -25.67 -26.44
C LYS A 302 9.68 -26.45 -25.39
N SER A 303 9.31 -26.39 -24.12
CA SER A 303 10.02 -27.11 -23.08
C SER A 303 9.08 -27.35 -21.91
N ASP A 304 9.52 -28.22 -21.00
CA ASP A 304 8.85 -28.56 -19.72
C ASP A 304 9.59 -27.90 -18.52
N ASP A 305 10.40 -26.86 -18.76
CA ASP A 305 11.09 -26.17 -17.68
C ASP A 305 10.30 -24.98 -17.19
N ALA A 306 9.87 -24.99 -15.93
CA ALA A 306 9.02 -23.90 -15.38
C ALA A 306 9.80 -22.62 -15.23
N VAL A 307 9.10 -21.51 -15.44
CA VAL A 307 9.71 -20.16 -15.26
C VAL A 307 8.89 -19.30 -14.30
N GLY A 308 7.82 -19.85 -13.76
CA GLY A 308 6.93 -19.07 -12.95
C GLY A 308 6.25 -17.92 -13.71
N GLY A 309 5.66 -17.07 -12.87
CA GLY A 309 5.00 -15.92 -13.35
C GLY A 309 4.66 -14.88 -12.33
N ASN A 310 4.07 -13.81 -12.83
CA ASN A 310 3.84 -12.63 -12.03
C ASN A 310 2.52 -12.61 -11.34
N ALA A 311 1.75 -13.71 -11.50
CA ALA A 311 0.46 -13.90 -10.91
C ALA A 311 0.22 -15.35 -10.54
N MET A 312 -0.43 -15.59 -9.41
CA MET A 312 -0.49 -16.93 -8.83
C MET A 312 -1.68 -17.06 -7.87
N ALA A 313 -2.32 -18.22 -7.84
CA ALA A 313 -3.36 -18.49 -6.86
C ALA A 313 -3.35 -19.98 -6.54
N VAL A 314 -3.46 -20.30 -5.25
CA VAL A 314 -3.37 -21.62 -4.71
C VAL A 314 -4.45 -21.68 -3.68
N ALA A 315 -5.10 -22.85 -3.53
CA ALA A 315 -6.05 -23.08 -2.46
C ALA A 315 -6.09 -24.60 -2.10
N SER A 316 -6.46 -24.87 -0.85
CA SER A 316 -6.50 -26.19 -0.35
C SER A 316 -7.59 -26.33 0.66
N LEU A 317 -8.21 -27.51 0.62
CA LEU A 317 -9.13 -27.91 1.62
C LEU A 317 -8.67 -29.26 2.19
N GLU A 318 -8.63 -29.34 3.52
CA GLU A 318 -7.99 -30.42 4.23
C GLU A 318 -8.92 -30.88 5.38
N PHE A 319 -9.16 -32.21 5.47
CA PHE A 319 -9.97 -32.81 6.55
C PHE A 319 -8.98 -33.47 7.53
N ILE A 320 -8.93 -32.94 8.74
CA ILE A 320 -8.06 -33.39 9.79
C ILE A 320 -8.91 -34.37 10.57
N THR A 321 -8.36 -35.51 10.90
CA THR A 321 -9.13 -36.55 11.51
C THR A 321 -8.29 -37.16 12.57
N PRO A 322 -8.90 -37.76 13.57
CA PRO A 322 -8.04 -38.56 14.42
C PRO A 322 -7.22 -39.57 13.57
N THR A 323 -6.07 -40.01 14.08
CA THR A 323 -5.19 -40.98 13.40
C THR A 323 -5.43 -42.45 13.89
N PRO A 324 -5.85 -43.37 13.00
CA PRO A 324 -6.09 -44.76 13.48
C PRO A 324 -4.80 -45.55 13.47
N PHE A 325 -4.65 -46.70 14.12
CA PHE A 325 -5.09 -47.09 15.44
C PHE A 325 -3.77 -46.63 16.11
N ILE A 326 -3.73 -45.50 16.84
CA ILE A 326 -2.56 -45.24 17.75
C ILE A 326 -2.83 -45.11 19.25
N SER A 327 -4.10 -44.91 19.62
CA SER A 327 -4.51 -44.70 21.00
C SER A 327 -4.08 -43.32 21.45
N ASP A 328 -4.88 -42.71 22.34
CA ASP A 328 -4.69 -41.27 22.67
C ASP A 328 -3.58 -41.05 23.75
N LYS A 329 -2.52 -41.86 23.75
CA LYS A 329 -1.25 -41.56 24.49
C LYS A 329 -0.32 -40.75 23.60
N TYR A 330 -0.24 -41.13 22.33
CA TYR A 330 0.54 -40.35 21.34
C TYR A 330 -0.35 -39.32 20.59
N ALA A 331 -1.66 -39.34 20.84
CA ALA A 331 -2.63 -38.44 20.22
C ALA A 331 -2.00 -37.26 19.48
N ASN A 332 -1.77 -36.16 20.19
CA ASN A 332 -1.30 -34.92 19.62
C ASN A 332 0.22 -34.91 19.27
N SER A 333 0.92 -36.07 19.28
CA SER A 333 2.21 -36.16 18.60
C SER A 333 1.98 -36.41 17.12
N VAL A 334 0.91 -37.09 16.71
CA VAL A 334 0.69 -37.36 15.27
C VAL A 334 -0.57 -36.63 14.71
N ARG A 335 -0.62 -36.36 13.42
CA ARG A 335 -1.83 -35.80 12.77
C ARG A 335 -1.94 -36.24 11.31
N THR A 336 -3.15 -36.62 10.92
CA THR A 336 -3.49 -37.18 9.61
C THR A 336 -4.62 -36.40 8.99
N SER A 337 -4.64 -36.42 7.66
CA SER A 337 -5.49 -35.50 6.93
C SER A 337 -5.63 -35.92 5.49
N PHE A 338 -6.79 -35.60 4.94
CA PHE A 338 -7.12 -35.82 3.50
C PHE A 338 -7.29 -34.42 2.87
N PHE A 339 -6.72 -34.22 1.67
CA PHE A 339 -6.71 -32.92 1.07
C PHE A 339 -7.07 -32.93 -0.38
N TRP A 340 -7.62 -31.77 -0.77
CA TRP A 340 -7.80 -31.37 -2.13
C TRP A 340 -7.01 -30.03 -2.31
N ASP A 341 -5.85 -30.10 -2.94
CA ASP A 341 -5.05 -28.97 -3.33
C ASP A 341 -5.35 -28.52 -4.75
N MET A 342 -5.16 -27.23 -5.00
CA MET A 342 -5.31 -26.61 -6.32
C MET A 342 -4.57 -25.31 -6.49
N GLY A 343 -4.18 -25.05 -7.73
CA GLY A 343 -3.51 -23.79 -8.00
C GLY A 343 -3.13 -23.56 -9.42
N THR A 344 -2.70 -22.33 -9.64
CA THR A 344 -2.37 -21.86 -10.98
C THR A 344 -1.36 -20.68 -10.92
N VAL A 345 -0.57 -20.54 -11.99
CA VAL A 345 0.33 -19.43 -12.19
C VAL A 345 0.26 -18.96 -13.64
N TRP A 346 0.40 -17.67 -13.88
CA TRP A 346 0.37 -17.21 -15.22
C TRP A 346 1.20 -15.97 -15.42
N ASP A 347 1.46 -15.67 -16.66
CA ASP A 347 2.26 -14.58 -17.12
C ASP A 347 1.24 -13.57 -17.67
N THR A 348 0.96 -12.50 -16.92
CA THR A 348 0.05 -11.46 -17.47
C THR A 348 0.59 -10.71 -18.66
N ASN A 349 1.90 -10.75 -18.91
CA ASN A 349 2.52 -10.13 -20.08
C ASN A 349 2.84 -11.00 -21.31
N TRP A 350 2.61 -12.30 -21.17
CA TRP A 350 2.71 -13.17 -22.30
C TRP A 350 1.80 -12.68 -23.46
N ASP A 351 2.33 -12.59 -24.65
CA ASP A 351 1.59 -12.09 -25.80
C ASP A 351 1.21 -13.32 -26.64
N SER A 352 -0.01 -13.83 -26.42
CA SER A 352 -0.44 -15.08 -27.05
C SER A 352 -0.77 -14.97 -28.51
N SER A 353 -0.99 -13.75 -28.96
CA SER A 353 -1.17 -13.49 -30.41
C SER A 353 0.10 -13.79 -31.16
N GLN A 354 1.16 -13.10 -30.74
CA GLN A 354 2.51 -13.29 -31.29
C GLN A 354 3.04 -14.73 -31.10
N TYR A 355 2.71 -15.40 -30.04
CA TYR A 355 3.05 -16.81 -29.94
C TYR A 355 1.81 -17.74 -30.08
N SER A 356 0.95 -17.40 -31.05
CA SER A 356 -0.20 -18.20 -31.49
C SER A 356 0.08 -19.70 -31.40
N GLY A 357 1.23 -20.17 -31.88
CA GLY A 357 1.54 -21.59 -31.94
C GLY A 357 2.32 -22.17 -30.76
N TYR A 358 2.07 -21.59 -29.59
CA TYR A 358 2.65 -21.97 -28.29
C TYR A 358 1.47 -21.95 -27.27
N PRO A 359 1.60 -22.61 -26.13
CA PRO A 359 0.45 -22.52 -25.24
C PRO A 359 0.28 -21.13 -24.67
N ASP A 360 -0.97 -20.76 -24.44
CA ASP A 360 -1.27 -19.41 -23.94
C ASP A 360 -0.93 -19.43 -22.45
N TYR A 361 0.27 -18.99 -22.11
CA TYR A 361 0.69 -18.94 -20.70
C TYR A 361 0.16 -17.63 -19.99
N SER A 362 -0.74 -16.87 -20.62
CA SER A 362 -1.47 -15.78 -19.92
C SER A 362 -2.82 -16.24 -19.36
N ASP A 363 -3.34 -17.38 -19.82
CA ASP A 363 -4.58 -17.95 -19.29
C ASP A 363 -4.48 -18.29 -17.78
N PRO A 364 -5.19 -17.53 -16.90
CA PRO A 364 -5.26 -17.92 -15.49
C PRO A 364 -6.04 -19.21 -15.27
N SER A 365 -6.90 -19.59 -16.21
CA SER A 365 -7.80 -20.68 -15.95
C SER A 365 -7.17 -22.09 -15.98
N ASN A 366 -5.87 -22.28 -16.18
CA ASN A 366 -5.40 -23.69 -16.24
C ASN A 366 -5.15 -24.11 -14.78
N ILE A 367 -6.18 -24.58 -14.07
CA ILE A 367 -6.06 -24.83 -12.65
C ILE A 367 -5.63 -26.27 -12.39
N ARG A 368 -4.55 -26.45 -11.66
CA ARG A 368 -4.07 -27.80 -11.31
C ARG A 368 -4.80 -28.23 -10.07
N MET A 369 -5.00 -29.53 -9.90
CA MET A 369 -5.59 -30.07 -8.71
C MET A 369 -4.96 -31.43 -8.39
N SER A 370 -4.94 -31.70 -7.09
CA SER A 370 -4.51 -32.98 -6.59
C SER A 370 -5.36 -33.32 -5.40
N ALA A 371 -5.34 -34.60 -5.07
CA ALA A 371 -6.02 -35.12 -3.88
C ALA A 371 -5.08 -36.10 -3.20
N GLY A 372 -4.98 -36.03 -1.86
CA GLY A 372 -4.12 -36.94 -1.20
C GLY A 372 -4.37 -37.12 0.25
N ILE A 373 -3.36 -37.67 0.90
CA ILE A 373 -3.37 -37.95 2.34
C ILE A 373 -2.12 -37.31 2.92
N ALA A 374 -2.14 -36.93 4.19
CA ALA A 374 -0.96 -36.28 4.83
C ALA A 374 -0.76 -36.74 6.26
N LEU A 375 0.50 -36.88 6.65
CA LEU A 375 0.78 -37.41 7.98
C LEU A 375 1.87 -36.53 8.53
N GLN A 376 1.64 -36.03 9.73
CA GLN A 376 2.56 -35.16 10.43
C GLN A 376 2.90 -35.85 11.71
N TRP A 377 4.14 -35.73 12.19
CA TRP A 377 4.49 -36.41 13.44
C TRP A 377 5.57 -35.60 14.16
N MET A 378 5.35 -35.13 15.38
CA MET A 378 6.35 -34.44 16.16
C MET A 378 7.18 -35.60 16.62
N SER A 379 8.10 -36.05 15.75
CA SER A 379 8.92 -37.24 16.03
C SER A 379 10.06 -36.88 17.01
N PRO A 380 10.73 -37.92 17.59
CA PRO A 380 11.88 -37.65 18.52
C PRO A 380 13.00 -36.82 17.83
N LEU A 381 13.15 -37.00 16.51
CA LEU A 381 14.13 -36.29 15.67
C LEU A 381 13.55 -35.05 14.98
N GLY A 382 12.47 -34.51 15.53
CA GLY A 382 11.86 -33.26 15.06
C GLY A 382 10.65 -33.41 14.14
N PRO A 383 10.14 -32.27 13.65
CA PRO A 383 9.03 -32.26 12.69
C PRO A 383 9.23 -33.16 11.45
N LEU A 384 8.18 -33.87 11.11
CA LEU A 384 8.18 -34.88 10.05
C LEU A 384 6.83 -34.82 9.30
N VAL A 385 6.86 -34.83 7.97
CA VAL A 385 5.67 -34.58 7.12
C VAL A 385 5.74 -35.42 5.85
N PHE A 386 4.72 -36.26 5.66
CA PHE A 386 4.65 -37.37 4.67
C PHE A 386 3.39 -36.96 3.84
N SER A 387 3.52 -36.81 2.53
CA SER A 387 2.39 -36.52 1.65
C SER A 387 2.38 -37.64 0.65
N TYR A 388 1.19 -38.15 0.34
CA TYR A 388 0.97 -38.90 -0.90
C TYR A 388 -0.25 -38.33 -1.55
N ALA A 389 -0.07 -37.84 -2.78
CA ALA A 389 -1.12 -37.13 -3.52
C ALA A 389 -1.12 -37.58 -4.96
N GLN A 390 -2.32 -37.72 -5.55
CA GLN A 390 -2.42 -37.84 -7.00
C GLN A 390 -2.87 -36.51 -7.61
N PRO A 391 -2.15 -36.02 -8.64
CA PRO A 391 -2.63 -34.85 -9.35
C PRO A 391 -3.62 -35.31 -10.43
N PHE A 392 -4.91 -35.22 -10.13
CA PHE A 392 -5.96 -35.52 -11.14
C PHE A 392 -6.23 -34.40 -12.17
N LYS A 393 -5.65 -33.23 -12.03
CA LYS A 393 -5.71 -32.24 -13.10
C LYS A 393 -4.34 -31.51 -13.27
N LYS A 394 -3.78 -31.71 -14.48
CA LYS A 394 -2.38 -31.56 -14.82
C LYS A 394 -2.33 -31.28 -16.32
N TYR A 395 -1.52 -30.32 -16.69
CA TYR A 395 -1.41 -29.79 -18.06
C TYR A 395 -0.05 -30.12 -18.68
N ASP A 396 -0.02 -30.19 -20.02
CA ASP A 396 1.19 -30.42 -20.82
C ASP A 396 2.38 -29.64 -20.22
N GLY A 397 3.43 -30.38 -19.93
CA GLY A 397 4.60 -29.86 -19.25
C GLY A 397 4.68 -30.17 -17.77
N ASP A 398 3.56 -30.18 -17.04
CA ASP A 398 3.58 -30.39 -15.59
C ASP A 398 4.11 -31.78 -15.14
N LYS A 399 4.96 -31.73 -14.13
CA LYS A 399 5.75 -32.85 -13.68
C LYS A 399 5.17 -33.35 -12.37
N ALA A 400 4.86 -34.65 -12.32
CA ALA A 400 4.24 -35.21 -11.14
C ALA A 400 5.25 -35.42 -10.03
N GLU A 401 4.79 -35.29 -8.79
CA GLU A 401 5.49 -35.84 -7.66
C GLU A 401 4.56 -36.29 -6.52
N GLN A 402 4.23 -37.59 -6.51
CA GLN A 402 3.23 -38.13 -5.57
C GLN A 402 3.77 -38.11 -4.16
N PHE A 403 4.90 -38.79 -3.97
CA PHE A 403 5.52 -38.99 -2.66
C PHE A 403 6.32 -37.76 -2.27
N GLN A 404 5.95 -37.10 -1.18
CA GLN A 404 6.65 -35.87 -0.75
C GLN A 404 6.87 -35.95 0.78
N PHE A 405 8.05 -35.54 1.22
CA PHE A 405 8.53 -35.79 2.57
C PHE A 405 9.40 -34.66 3.09
N ASN A 406 9.32 -34.35 4.38
CA ASN A 406 10.03 -33.21 4.97
C ASN A 406 10.38 -33.54 6.40
N ILE A 407 11.65 -33.38 6.74
CA ILE A 407 12.13 -33.60 8.11
C ILE A 407 13.21 -32.56 8.46
N GLY A 408 13.39 -32.29 9.73
CA GLY A 408 14.39 -31.32 10.12
C GLY A 408 14.39 -31.11 11.61
N LYS A 409 15.52 -30.69 12.14
CA LYS A 409 15.68 -30.53 13.59
C LYS A 409 16.70 -29.46 13.81
N THR A 410 16.54 -28.75 14.95
CA THR A 410 17.37 -27.65 15.39
C THR A 410 17.85 -27.86 16.83
N TRP A 411 19.16 -27.86 17.04
CA TRP A 411 19.80 -27.74 18.37
C TRP A 411 20.06 -26.23 18.69
N MET A 412 19.86 -25.84 19.94
CA MET A 412 20.20 -24.50 20.39
C MET A 412 20.96 -24.63 21.67
N GLU A 413 22.26 -24.31 21.68
CA GLU A 413 23.07 -24.29 22.93
C GLU A 413 23.29 -22.82 23.40
N ASN A 414 23.03 -22.54 24.69
CA ASN A 414 23.19 -21.20 25.31
C ASN A 414 24.47 -21.02 26.15
N VAL A 415 24.94 -19.78 26.23
CA VAL A 415 26.09 -19.42 27.06
C VAL A 415 25.78 -18.04 27.63
N ALA A 416 26.02 -17.81 28.91
CA ALA A 416 25.89 -16.46 29.47
C ALA A 416 27.10 -15.63 29.05
N LEU A 417 26.87 -14.47 28.42
CA LEU A 417 27.92 -13.48 28.16
C LEU A 417 27.76 -12.18 28.97
N ASP A 418 27.50 -12.34 30.26
CA ASP A 418 27.12 -11.21 31.10
C ASP A 418 28.20 -10.16 31.38
N PHE A 419 27.76 -8.94 31.73
CA PHE A 419 28.62 -7.79 32.02
C PHE A 419 28.71 -7.53 33.52
N SER A 420 28.36 -8.48 34.37
CA SER A 420 28.73 -8.33 35.78
C SER A 420 30.23 -8.59 35.97
N GLY B 13 -24.74 -3.16 33.78
CA GLY B 13 -25.47 -3.93 32.71
C GLY B 13 -26.75 -3.26 32.24
N GLU B 14 -27.53 -2.71 33.18
CA GLU B 14 -28.76 -1.92 32.92
C GLU B 14 -28.53 -0.54 32.25
N ASN B 15 -27.33 0.04 32.31
CA ASN B 15 -26.94 1.22 31.46
C ASN B 15 -27.02 0.96 29.93
N LEU B 16 -27.09 -0.32 29.55
CA LEU B 16 -27.28 -0.71 28.15
C LEU B 16 -28.75 -0.45 27.74
N TYR B 17 -29.70 -0.47 28.69
CA TYR B 17 -31.08 0.10 28.48
C TYR B 17 -30.92 1.54 27.93
N PHE B 18 -30.47 2.49 28.75
CA PHE B 18 -30.52 3.92 28.39
C PHE B 18 -29.66 4.30 27.21
N GLN B 19 -28.53 3.60 27.01
CA GLN B 19 -27.68 3.78 25.83
C GLN B 19 -28.47 3.42 24.54
N HIS B 20 -29.03 2.19 24.51
CA HIS B 20 -29.73 1.67 23.30
C HIS B 20 -31.07 2.37 23.00
N MET B 21 -31.62 3.05 24.02
CA MET B 21 -32.82 3.91 23.92
C MET B 21 -32.52 5.37 23.58
N ARG B 22 -31.31 5.90 23.81
CA ARG B 22 -31.08 7.32 23.49
C ARG B 22 -30.74 7.57 22.03
N ASN B 23 -31.30 8.63 21.47
CA ASN B 23 -31.09 8.98 20.06
C ASN B 23 -31.21 10.49 19.98
N THR B 24 -30.23 11.15 19.40
CA THR B 24 -30.31 12.58 19.21
C THR B 24 -30.30 12.84 17.74
N GLY B 25 -30.98 13.89 17.36
CA GLY B 25 -30.98 14.37 15.99
C GLY B 25 -30.45 15.79 15.92
N SER B 26 -29.68 16.07 14.87
CA SER B 26 -29.02 17.35 14.69
C SER B 26 -29.30 17.87 13.31
N PHE B 27 -29.82 19.11 13.19
CA PHE B 27 -29.74 19.85 11.91
C PHE B 27 -28.41 20.58 12.00
N ASN B 28 -27.71 20.73 10.89
CA ASN B 28 -26.63 21.76 10.80
C ASN B 28 -26.57 22.54 9.51
N PHE B 29 -26.46 23.86 9.65
CA PHE B 29 -26.33 24.81 8.56
C PHE B 29 -24.91 25.38 8.67
N GLY B 30 -24.35 25.83 7.55
CA GLY B 30 -23.06 26.51 7.52
C GLY B 30 -23.00 27.51 6.40
N ILE B 31 -22.59 28.73 6.68
CA ILE B 31 -22.33 29.70 5.62
C ILE B 31 -20.84 30.18 5.71
N GLY B 32 -20.26 30.49 4.57
CA GLY B 32 -18.83 30.83 4.49
C GLY B 32 -18.50 31.51 3.19
N TYR B 33 -17.48 32.37 3.23
CA TYR B 33 -17.00 33.08 2.04
C TYR B 33 -15.51 32.87 1.99
N GLY B 34 -14.99 32.59 0.81
CA GLY B 34 -13.52 32.52 0.64
C GLY B 34 -13.09 32.99 -0.74
N THR B 35 -11.83 33.37 -0.87
CA THR B 35 -11.27 33.56 -2.17
C THR B 35 -11.10 32.23 -2.90
N GLU B 36 -10.80 31.12 -2.20
CA GLU B 36 -10.76 29.84 -2.90
C GLU B 36 -12.13 29.48 -3.54
N SER B 37 -13.15 29.51 -2.70
CA SER B 37 -14.34 28.74 -2.94
C SER B 37 -15.49 29.60 -3.40
N GLY B 38 -15.44 30.89 -3.13
CA GLY B 38 -16.59 31.72 -3.35
C GLY B 38 -17.43 31.66 -2.12
N VAL B 39 -18.71 31.96 -2.32
CA VAL B 39 -19.71 31.83 -1.28
C VAL B 39 -20.05 30.33 -1.20
N SER B 40 -20.24 29.89 0.02
CA SER B 40 -20.17 28.49 0.39
C SER B 40 -21.34 28.16 1.35
N PHE B 41 -22.06 27.09 1.08
CA PHE B 41 -23.06 26.62 2.03
C PHE B 41 -22.87 25.14 2.38
N GLN B 42 -23.20 24.81 3.64
CA GLN B 42 -23.26 23.46 4.18
C GLN B 42 -24.67 23.19 4.77
N ALA B 43 -25.31 22.05 4.51
CA ALA B 43 -26.53 21.67 5.27
C ALA B 43 -26.63 20.16 5.47
N GLY B 44 -27.11 19.75 6.62
CA GLY B 44 -26.92 18.38 7.08
C GLY B 44 -27.99 18.05 8.09
N VAL B 45 -28.47 16.81 8.09
CA VAL B 45 -29.42 16.41 9.10
C VAL B 45 -29.07 15.01 9.49
N GLN B 46 -29.11 14.67 10.78
CA GLN B 46 -28.78 13.30 11.18
C GLN B 46 -29.34 12.85 12.51
N GLN B 47 -29.40 11.55 12.70
CA GLN B 47 -29.69 10.91 13.98
C GLN B 47 -28.52 10.05 14.33
N ASP B 48 -28.16 9.94 15.60
CA ASP B 48 -26.91 9.24 15.94
C ASP B 48 -27.07 7.79 16.43
N ASN B 49 -28.29 7.38 16.78
CA ASN B 49 -28.61 5.99 17.11
C ASN B 49 -29.88 5.55 16.40
N TRP B 50 -29.77 5.44 15.09
CA TRP B 50 -30.94 5.32 14.22
C TRP B 50 -31.66 4.02 14.41
N LEU B 51 -32.95 4.07 14.74
CA LEU B 51 -33.72 2.87 15.08
C LEU B 51 -33.02 2.05 16.18
N GLY B 52 -32.27 2.67 17.07
CA GLY B 52 -31.57 1.90 18.08
C GLY B 52 -30.66 0.87 17.42
N THR B 53 -29.85 1.29 16.48
CA THR B 53 -28.96 0.36 15.82
C THR B 53 -27.48 0.59 16.16
N GLY B 54 -27.18 1.70 16.83
CA GLY B 54 -25.81 2.18 17.06
C GLY B 54 -25.22 3.02 15.95
N TYR B 55 -25.77 2.93 14.75
CA TYR B 55 -25.29 3.67 13.61
C TYR B 55 -25.79 5.08 13.67
N ALA B 56 -24.95 6.03 13.30
CA ALA B 56 -25.34 7.38 13.09
C ALA B 56 -25.56 7.44 11.59
N VAL B 57 -26.75 7.94 11.20
CA VAL B 57 -27.21 8.08 9.83
C VAL B 57 -27.57 9.54 9.55
N GLY B 58 -27.12 10.06 8.41
CA GLY B 58 -27.25 11.47 8.09
C GLY B 58 -27.29 11.77 6.60
N ILE B 59 -27.79 12.95 6.26
CA ILE B 59 -27.87 13.38 4.90
C ILE B 59 -27.29 14.77 4.90
N ASN B 60 -26.28 15.03 4.09
CA ASN B 60 -25.60 16.34 4.12
C ASN B 60 -25.02 16.76 2.77
N GLY B 61 -24.97 18.07 2.55
CA GLY B 61 -24.59 18.63 1.28
C GLY B 61 -23.86 19.96 1.38
N THR B 62 -23.14 20.28 0.31
CA THR B 62 -22.30 21.47 0.18
C THR B 62 -22.41 22.12 -1.21
N LYS B 63 -22.19 23.43 -1.28
CA LYS B 63 -22.12 24.15 -2.55
C LYS B 63 -21.06 25.29 -2.45
N ASN B 64 -20.18 25.29 -3.46
CA ASN B 64 -19.15 26.29 -3.78
C ASN B 64 -19.50 26.88 -5.11
N ASP B 65 -18.72 27.86 -5.55
CA ASP B 65 -18.75 28.24 -6.92
C ASP B 65 -18.52 27.08 -7.88
N TYR B 66 -17.67 26.13 -7.54
CA TYR B 66 -17.33 25.06 -8.50
C TYR B 66 -17.87 23.68 -8.17
N GLN B 67 -18.33 23.45 -6.96
CA GLN B 67 -18.67 22.12 -6.55
C GLN B 67 -19.93 22.06 -5.71
N THR B 68 -20.86 21.18 -6.11
CA THR B 68 -21.98 20.81 -5.26
C THR B 68 -21.84 19.30 -4.94
N TYR B 69 -22.06 18.94 -3.68
CA TYR B 69 -21.88 17.58 -3.17
C TYR B 69 -23.05 17.13 -2.28
N ALA B 70 -23.46 15.85 -2.34
CA ALA B 70 -24.48 15.34 -1.37
C ALA B 70 -24.33 13.87 -1.02
N GLU B 71 -24.71 13.53 0.21
CA GLU B 71 -24.51 12.19 0.64
C GLU B 71 -25.47 11.68 1.67
N LEU B 72 -25.67 10.37 1.64
CA LEU B 72 -26.11 9.61 2.78
C LEU B 72 -24.83 9.14 3.44
N SER B 73 -24.74 9.22 4.75
CA SER B 73 -23.57 8.82 5.50
C SER B 73 -24.06 7.89 6.64
N VAL B 74 -23.52 6.67 6.72
CA VAL B 74 -23.88 5.72 7.79
C VAL B 74 -22.60 5.48 8.54
N THR B 75 -22.54 5.60 9.85
CA THR B 75 -21.25 5.30 10.52
C THR B 75 -21.36 4.95 11.99
N ASN B 76 -20.77 3.82 12.37
CA ASN B 76 -20.82 3.34 13.76
C ASN B 76 -19.42 3.34 14.36
N PRO B 77 -19.13 4.26 15.31
CA PRO B 77 -17.75 4.33 15.90
C PRO B 77 -17.31 3.10 16.76
N TYR B 78 -18.29 2.31 17.25
CA TYR B 78 -18.09 1.06 18.02
C TYR B 78 -18.75 -0.11 17.30
N PHE B 79 -18.37 -0.26 16.06
CA PHE B 79 -18.51 -1.53 15.39
C PHE B 79 -17.98 -2.72 16.22
N THR B 80 -16.97 -2.50 17.06
CA THR B 80 -16.32 -3.48 17.89
C THR B 80 -16.29 -2.87 19.27
N VAL B 81 -16.36 -3.64 20.36
CA VAL B 81 -16.30 -3.00 21.69
C VAL B 81 -14.94 -2.38 21.90
N ASP B 82 -13.93 -2.92 21.22
CA ASP B 82 -12.54 -2.36 21.15
C ASP B 82 -12.34 -1.00 20.48
N GLY B 83 -13.34 -0.42 19.83
CA GLY B 83 -13.22 0.94 19.18
C GLY B 83 -13.06 1.00 17.67
N VAL B 84 -13.05 -0.15 17.00
CA VAL B 84 -12.99 -0.17 15.54
C VAL B 84 -14.33 0.32 14.98
N SER B 85 -14.28 1.15 13.95
CA SER B 85 -15.43 1.88 13.42
C SER B 85 -15.70 1.45 12.03
N LEU B 86 -16.97 1.44 11.64
CA LEU B 86 -17.41 1.07 10.27
C LEU B 86 -18.32 2.18 9.80
N GLY B 87 -17.95 2.70 8.64
CA GLY B 87 -18.46 3.91 8.01
C GLY B 87 -18.73 3.60 6.55
N GLY B 88 -19.57 4.46 5.97
CA GLY B 88 -20.19 4.21 4.67
C GLY B 88 -20.62 5.53 4.11
N ARG B 89 -20.82 5.60 2.81
CA ARG B 89 -21.27 6.83 2.22
C ARG B 89 -21.84 6.58 0.86
N LEU B 90 -22.92 7.26 0.52
CA LEU B 90 -23.48 7.29 -0.88
C LEU B 90 -23.59 8.76 -1.24
N PHE B 91 -23.05 9.09 -2.41
CA PHE B 91 -22.80 10.46 -2.77
C PHE B 91 -23.05 10.72 -4.21
N TYR B 92 -23.32 12.00 -4.45
CA TYR B 92 -23.40 12.66 -5.76
C TYR B 92 -22.50 13.87 -5.71
N ASN B 93 -21.69 14.04 -6.72
CA ASN B 93 -20.85 15.20 -6.86
C ASN B 93 -21.04 15.78 -8.25
N ASP B 94 -21.10 17.10 -8.30
CA ASP B 94 -20.95 17.85 -9.53
C ASP B 94 -19.78 18.85 -9.38
N PHE B 95 -18.79 18.75 -10.25
CA PHE B 95 -17.60 19.58 -10.24
C PHE B 95 -17.47 20.23 -11.60
N GLN B 96 -17.39 21.55 -11.55
CA GLN B 96 -17.36 22.42 -12.73
C GLN B 96 -15.97 23.07 -12.78
N ALA B 97 -15.08 22.46 -13.54
CA ALA B 97 -13.64 22.72 -13.37
C ALA B 97 -13.29 24.18 -13.65
N ASP B 98 -13.87 24.78 -14.65
CA ASP B 98 -13.53 26.17 -14.93
C ASP B 98 -13.92 27.18 -13.83
N ASP B 99 -14.84 26.90 -12.92
CA ASP B 99 -15.05 27.77 -11.74
C ASP B 99 -13.99 27.44 -10.65
N ALA B 100 -13.19 26.40 -10.85
CA ALA B 100 -12.03 26.14 -10.06
C ALA B 100 -10.71 26.66 -10.73
N ASP B 101 -10.82 27.59 -11.68
CA ASP B 101 -9.70 28.19 -12.41
C ASP B 101 -8.84 27.17 -13.12
N LEU B 102 -9.43 26.05 -13.59
CA LEU B 102 -8.75 25.08 -14.47
C LEU B 102 -9.28 25.20 -15.91
N SER B 103 -8.67 24.55 -16.89
CA SER B 103 -9.33 24.50 -18.21
C SER B 103 -10.61 23.70 -18.01
N ASP B 104 -11.56 23.93 -18.90
CA ASP B 104 -12.94 23.55 -18.61
C ASP B 104 -13.23 22.04 -18.81
N TYR B 105 -14.05 21.53 -17.91
CA TYR B 105 -14.82 20.31 -18.10
C TYR B 105 -15.84 20.28 -17.00
N THR B 106 -16.76 19.31 -17.14
CA THR B 106 -17.81 19.03 -16.17
C THR B 106 -17.63 17.57 -15.75
N ASN B 107 -17.63 17.33 -14.45
CA ASN B 107 -17.52 15.98 -13.92
C ASN B 107 -18.68 15.76 -13.00
N LYS B 108 -19.62 14.93 -13.44
CA LYS B 108 -20.73 14.54 -12.58
C LYS B 108 -20.49 13.10 -12.15
N SER B 109 -20.35 12.89 -10.87
CA SER B 109 -20.08 11.58 -10.38
C SER B 109 -21.06 11.20 -9.31
N TYR B 110 -21.06 9.91 -9.04
CA TYR B 110 -21.73 9.37 -7.88
C TYR B 110 -20.99 8.08 -7.51
N GLY B 111 -21.21 7.64 -6.29
CA GLY B 111 -20.69 6.34 -5.87
C GLY B 111 -20.79 6.07 -4.40
N THR B 112 -19.92 5.23 -3.91
CA THR B 112 -20.11 4.71 -2.62
C THR B 112 -18.80 4.31 -2.06
N ASP B 113 -18.67 4.43 -0.76
CA ASP B 113 -17.47 4.09 -0.03
C ASP B 113 -17.82 3.37 1.26
N VAL B 114 -17.04 2.38 1.66
CA VAL B 114 -17.15 1.76 3.01
C VAL B 114 -15.74 1.72 3.59
N THR B 115 -15.60 2.13 4.85
CA THR B 115 -14.30 2.35 5.53
C THR B 115 -14.34 1.83 6.97
N LEU B 116 -13.59 0.74 7.16
CA LEU B 116 -13.13 0.28 8.49
C LEU B 116 -12.06 1.27 9.06
N GLY B 117 -12.24 1.85 10.25
CA GLY B 117 -11.14 2.53 10.96
C GLY B 117 -10.61 1.89 12.27
N PHE B 118 -9.28 1.82 12.45
CA PHE B 118 -8.65 1.16 13.62
C PHE B 118 -7.85 2.14 14.49
N PRO B 119 -8.20 2.28 15.81
CA PRO B 119 -7.36 3.11 16.73
C PRO B 119 -6.15 2.49 17.32
N ILE B 120 -5.10 2.45 16.53
CA ILE B 120 -3.82 1.81 16.92
C ILE B 120 -3.38 2.12 18.34
N ASN B 121 -3.48 3.41 18.68
CA ASN B 121 -3.25 3.99 20.03
C ASN B 121 -3.86 5.40 19.98
N GLU B 122 -3.84 6.07 21.13
CA GLU B 122 -4.46 7.34 21.33
C GLU B 122 -4.02 8.43 20.34
N TYR B 123 -2.86 8.32 19.66
CA TYR B 123 -2.42 9.28 18.55
C TYR B 123 -2.39 8.78 17.08
N ASN B 124 -2.64 7.51 16.86
CA ASN B 124 -2.51 6.91 15.53
C ASN B 124 -3.74 6.16 15.10
N SER B 125 -4.25 6.45 13.92
CA SER B 125 -5.33 5.62 13.38
C SER B 125 -5.04 5.20 11.97
N LEU B 126 -5.63 4.05 11.63
CA LEU B 126 -5.59 3.53 10.28
C LEU B 126 -6.97 3.26 9.68
N ARG B 127 -7.02 3.22 8.36
CA ARG B 127 -8.26 3.13 7.61
C ARG B 127 -8.07 2.21 6.45
N ALA B 128 -9.04 1.35 6.22
CA ALA B 128 -9.07 0.50 5.05
C ALA B 128 -10.50 0.46 4.59
N GLY B 129 -10.70 0.58 3.29
CA GLY B 129 -12.02 0.46 2.72
C GLY B 129 -12.02 0.15 1.24
N LEU B 130 -13.24 0.08 0.68
CA LEU B 130 -13.47 -0.18 -0.73
C LEU B 130 -14.33 0.96 -1.18
N GLY B 131 -14.13 1.37 -2.42
CA GLY B 131 -14.93 2.37 -3.01
C GLY B 131 -15.33 1.99 -4.41
N TYR B 132 -16.49 2.46 -4.80
CA TYR B 132 -16.95 2.42 -6.18
C TYR B 132 -17.21 3.90 -6.58
N VAL B 133 -16.88 4.29 -7.80
CA VAL B 133 -17.32 5.58 -8.33
C VAL B 133 -17.59 5.53 -9.83
N HIS B 134 -18.66 6.20 -10.23
CA HIS B 134 -18.94 6.47 -11.61
C HIS B 134 -18.68 7.94 -11.85
N ASN B 135 -18.00 8.20 -12.96
CA ASN B 135 -17.69 9.53 -13.43
C ASN B 135 -18.23 9.78 -14.81
N SER B 136 -18.90 10.93 -14.95
CA SER B 136 -19.40 11.38 -16.21
C SER B 136 -18.73 12.69 -16.58
N LEU B 137 -17.89 12.67 -17.62
CA LEU B 137 -17.27 13.87 -18.14
C LEU B 137 -17.85 14.40 -19.40
N SER B 138 -18.00 15.71 -19.45
CA SER B 138 -18.57 16.39 -20.62
C SER B 138 -17.94 17.77 -20.67
N ASN B 139 -18.23 18.52 -21.72
CA ASN B 139 -17.74 19.90 -21.90
C ASN B 139 -16.23 20.03 -21.87
N MET B 140 -15.51 19.14 -22.51
CA MET B 140 -14.05 19.16 -22.43
C MET B 140 -13.52 19.91 -23.64
N GLN B 141 -12.97 21.15 -23.50
CA GLN B 141 -12.37 21.85 -24.67
C GLN B 141 -11.18 21.02 -25.01
N PRO B 142 -11.00 20.58 -26.27
CA PRO B 142 -9.85 19.66 -26.55
C PRO B 142 -8.43 20.23 -26.32
N GLN B 143 -7.60 19.52 -25.56
CA GLN B 143 -6.25 19.95 -25.26
C GLN B 143 -5.37 18.76 -25.03
N VAL B 144 -4.07 18.99 -24.99
CA VAL B 144 -3.11 17.90 -25.14
C VAL B 144 -3.13 16.93 -23.97
N ALA B 145 -2.91 17.40 -22.75
CA ALA B 145 -2.82 16.47 -21.59
C ALA B 145 -4.10 15.72 -21.48
N MET B 146 -5.22 16.44 -21.59
CA MET B 146 -6.53 15.81 -21.39
C MET B 146 -6.73 14.72 -22.46
N TRP B 147 -6.53 15.09 -23.73
CA TRP B 147 -6.71 14.14 -24.82
C TRP B 147 -5.78 12.88 -24.80
N ARG B 148 -4.58 13.05 -24.26
CA ARG B 148 -3.62 11.98 -24.12
C ARG B 148 -4.11 11.02 -23.07
N TYR B 149 -4.86 11.48 -22.07
CA TYR B 149 -5.48 10.53 -21.15
C TYR B 149 -6.58 9.73 -21.90
N LEU B 150 -7.42 10.44 -22.63
CA LEU B 150 -8.48 9.86 -23.39
C LEU B 150 -7.99 8.81 -24.33
N TYR B 151 -6.94 9.11 -25.11
CA TYR B 151 -6.43 8.12 -26.06
C TYR B 151 -5.86 6.90 -25.34
N SER B 152 -5.32 7.10 -24.15
CA SER B 152 -4.76 5.98 -23.45
C SER B 152 -5.83 4.96 -23.03
N MET B 153 -7.06 5.46 -22.85
CA MET B 153 -8.25 4.64 -22.56
C MET B 153 -8.90 3.96 -23.77
N GLY B 154 -8.38 4.14 -24.99
CA GLY B 154 -8.98 3.56 -26.17
C GLY B 154 -9.92 4.51 -26.88
N GLU B 155 -10.24 5.65 -26.29
CA GLU B 155 -11.18 6.59 -26.92
C GLU B 155 -10.42 7.43 -27.92
N HIS B 156 -11.00 7.74 -29.07
CA HIS B 156 -10.34 8.66 -29.99
C HIS B 156 -11.26 9.83 -30.30
N PRO B 157 -11.33 10.82 -29.42
CA PRO B 157 -12.19 11.94 -29.79
C PRO B 157 -11.60 12.78 -30.90
N SER B 158 -12.48 13.44 -31.63
CA SER B 158 -12.08 14.50 -32.55
C SER B 158 -11.53 15.69 -31.73
N THR B 159 -10.57 16.38 -32.33
CA THR B 159 -9.91 17.50 -31.67
C THR B 159 -10.42 18.84 -32.14
N SER B 160 -11.48 18.87 -32.93
CA SER B 160 -12.15 20.12 -33.35
C SER B 160 -13.55 20.26 -32.73
N ASP B 161 -14.00 19.23 -32.00
CA ASP B 161 -15.35 19.10 -31.54
C ASP B 161 -15.31 19.34 -30.03
N GLN B 162 -15.95 20.44 -29.62
CA GLN B 162 -15.92 20.91 -28.23
C GLN B 162 -16.91 20.20 -27.35
N ASP B 163 -17.07 18.89 -27.56
CA ASP B 163 -17.81 18.09 -26.60
C ASP B 163 -16.99 16.89 -26.00
N ASN B 164 -17.73 16.19 -25.13
CA ASN B 164 -17.73 14.75 -25.06
C ASN B 164 -18.88 14.24 -24.14
N SER B 165 -18.97 12.93 -24.21
CA SER B 165 -19.28 12.08 -23.13
C SER B 165 -17.99 11.23 -22.97
N PHE B 166 -17.53 11.07 -21.75
CA PHE B 166 -16.63 9.96 -21.44
C PHE B 166 -17.02 9.53 -20.05
N LYS B 167 -17.30 8.24 -19.87
CA LYS B 167 -17.79 7.73 -18.62
C LYS B 167 -16.96 6.56 -18.18
N THR B 168 -16.68 6.48 -16.88
CA THR B 168 -15.87 5.40 -16.34
C THR B 168 -16.52 4.93 -15.09
N ASP B 169 -16.29 3.65 -14.80
CA ASP B 169 -16.75 3.02 -13.57
C ASP B 169 -15.52 2.40 -12.97
N ASP B 170 -15.15 2.91 -11.80
CA ASP B 170 -13.99 2.47 -11.06
C ASP B 170 -14.39 1.86 -9.72
N PHE B 171 -13.69 0.82 -9.30
CA PHE B 171 -13.75 0.31 -7.92
C PHE B 171 -12.36 0.39 -7.33
N THR B 172 -12.22 0.73 -6.08
CA THR B 172 -10.90 1.03 -5.53
C THR B 172 -10.67 0.31 -4.24
N PHE B 173 -9.41 0.18 -3.86
CA PHE B 173 -9.09 -0.18 -2.48
C PHE B 173 -8.48 1.06 -1.96
N ASN B 174 -8.87 1.44 -0.74
CA ASN B 174 -8.40 2.71 -0.11
C ASN B 174 -7.80 2.52 1.31
N TYR B 175 -6.69 3.15 1.56
CA TYR B 175 -6.02 3.03 2.84
C TYR B 175 -5.64 4.46 3.27
N GLY B 176 -5.36 4.58 4.58
CA GLY B 176 -4.65 5.75 5.11
C GLY B 176 -4.15 5.59 6.51
N TRP B 177 -3.33 6.55 6.91
CA TRP B 177 -2.80 6.57 8.23
C TRP B 177 -2.75 7.99 8.75
N THR B 178 -3.19 8.18 9.96
CA THR B 178 -3.08 9.52 10.49
C THR B 178 -2.44 9.43 11.82
N TYR B 179 -1.41 10.22 11.98
CA TYR B 179 -0.76 10.52 13.24
C TYR B 179 -1.13 11.95 13.58
N ASN B 180 -1.58 12.13 14.81
CA ASN B 180 -1.93 13.41 15.37
C ASN B 180 -1.53 13.44 16.84
N LYS B 181 -0.58 14.34 17.12
CA LYS B 181 -0.19 14.67 18.49
C LYS B 181 -0.05 16.20 18.69
N LEU B 182 -0.92 16.97 18.05
CA LEU B 182 -0.92 18.40 18.26
C LEU B 182 -1.33 18.64 19.69
N ASP B 183 -0.79 19.67 20.33
CA ASP B 183 -1.21 19.97 21.71
C ASP B 183 -2.66 20.54 21.80
N ARG B 184 -3.07 21.28 20.77
CA ARG B 184 -4.31 22.03 20.77
C ARG B 184 -4.96 21.93 19.40
N GLY B 185 -6.28 21.98 19.41
CA GLY B 185 -7.09 22.07 18.20
C GLY B 185 -6.90 23.37 17.47
N TYR B 186 -7.38 24.52 17.99
CA TYR B 186 -7.35 25.74 17.16
C TYR B 186 -5.97 26.41 16.96
N PHE B 187 -5.23 26.68 18.02
CA PHE B 187 -3.93 27.41 17.88
C PHE B 187 -2.83 26.53 18.41
N PRO B 188 -2.38 25.61 17.55
CA PRO B 188 -1.38 24.60 17.95
C PRO B 188 -0.06 25.22 18.17
N THR B 189 0.73 24.50 18.92
CA THR B 189 1.92 25.08 19.45
C THR B 189 3.11 24.14 19.46
N ASP B 190 2.91 22.85 19.15
CA ASP B 190 3.77 21.76 19.62
C ASP B 190 3.26 20.42 19.04
N GLY B 191 4.12 19.68 18.39
CA GLY B 191 3.77 18.36 17.94
C GLY B 191 3.54 18.36 16.45
N SER B 192 3.24 17.17 15.95
CA SER B 192 3.04 16.98 14.55
C SER B 192 1.72 16.28 14.24
N ARG B 193 1.25 16.58 13.03
CA ARG B 193 0.19 15.84 12.38
C ARG B 193 0.72 15.37 11.06
N VAL B 194 0.59 14.05 10.83
CA VAL B 194 0.86 13.42 9.56
C VAL B 194 -0.40 12.72 9.07
N ASN B 195 -0.63 12.83 7.77
CA ASN B 195 -1.64 12.07 7.11
C ASN B 195 -1.26 11.55 5.76
N LEU B 196 -1.54 10.27 5.56
CA LEU B 196 -1.35 9.58 4.30
C LEU B 196 -2.65 9.04 3.84
N THR B 197 -2.91 9.14 2.55
CA THR B 197 -4.19 8.66 1.98
C THR B 197 -3.88 8.02 0.62
N GLY B 198 -4.04 6.72 0.52
CA GLY B 198 -3.76 6.09 -0.74
C GLY B 198 -4.94 5.42 -1.37
N LYS B 199 -4.89 5.24 -2.69
CA LYS B 199 -5.77 4.31 -3.37
C LYS B 199 -5.20 3.67 -4.62
N VAL B 200 -5.78 2.55 -4.99
CA VAL B 200 -5.37 1.84 -6.17
C VAL B 200 -6.65 1.20 -6.74
N THR B 201 -6.71 1.10 -8.05
CA THR B 201 -7.90 0.54 -8.64
C THR B 201 -7.84 -0.99 -8.53
N ILE B 202 -8.98 -1.66 -8.55
CA ILE B 202 -9.02 -3.12 -8.48
C ILE B 202 -9.66 -3.65 -9.74
N PRO B 203 -9.34 -4.92 -10.09
CA PRO B 203 -9.73 -5.36 -11.43
C PRO B 203 -11.24 -5.25 -11.60
N GLY B 204 -11.68 -5.01 -12.84
CA GLY B 204 -13.09 -4.60 -13.07
C GLY B 204 -13.27 -3.11 -13.29
N SER B 205 -12.30 -2.28 -12.89
CA SER B 205 -12.35 -0.84 -13.15
C SER B 205 -12.07 -0.58 -14.60
N ASP B 206 -12.65 0.50 -15.10
CA ASP B 206 -12.24 1.09 -16.33
C ASP B 206 -10.90 1.85 -16.12
N ASN B 207 -10.77 2.76 -15.16
CA ASN B 207 -9.44 3.34 -14.98
C ASN B 207 -8.47 2.33 -14.31
N GLU B 208 -7.18 2.60 -14.45
CA GLU B 208 -6.17 1.70 -13.85
C GLU B 208 -4.95 2.54 -13.38
N TYR B 209 -4.94 2.80 -12.08
CA TYR B 209 -4.04 3.74 -11.53
C TYR B 209 -4.01 3.65 -10.04
N TYR B 210 -2.97 4.28 -9.47
CA TYR B 210 -2.80 4.48 -8.04
C TYR B 210 -2.60 5.96 -7.76
N LYS B 211 -2.92 6.37 -6.54
CA LYS B 211 -2.72 7.73 -6.17
C LYS B 211 -2.51 7.78 -4.68
N VAL B 212 -1.56 8.60 -4.24
CA VAL B 212 -1.13 8.56 -2.84
C VAL B 212 -0.78 9.98 -2.38
N THR B 213 -1.30 10.44 -1.24
CA THR B 213 -0.95 11.81 -0.83
C THR B 213 -0.40 11.84 0.61
N LEU B 214 0.61 12.66 0.86
CA LEU B 214 1.18 12.85 2.20
C LEU B 214 1.18 14.31 2.59
N ASP B 215 0.59 14.60 3.76
CA ASP B 215 0.46 15.92 4.40
C ASP B 215 1.19 15.85 5.75
N THR B 216 2.03 16.82 6.07
CA THR B 216 2.64 16.87 7.39
C THR B 216 2.62 18.32 7.90
N ALA B 217 2.40 18.44 9.20
CA ALA B 217 2.50 19.72 9.89
C ALA B 217 3.18 19.50 11.23
N THR B 218 4.19 20.32 11.52
CA THR B 218 5.00 20.16 12.71
C THR B 218 5.24 21.51 13.31
N TYR B 219 4.89 21.61 14.58
CA TYR B 219 4.94 22.86 15.29
C TYR B 219 6.06 22.70 16.29
N VAL B 220 6.95 23.69 16.37
CA VAL B 220 8.08 23.68 17.30
C VAL B 220 8.12 25.01 18.04
N PRO B 221 7.85 24.98 19.35
CA PRO B 221 7.86 26.20 20.15
C PRO B 221 9.27 26.55 20.57
N ILE B 222 9.62 27.82 20.47
CA ILE B 222 10.95 28.30 20.84
C ILE B 222 11.00 28.68 22.34
N ASP B 223 10.10 29.57 22.80
CA ASP B 223 10.10 29.96 24.18
C ASP B 223 9.30 28.95 25.00
N ASP B 224 9.39 29.03 26.32
CA ASP B 224 8.67 28.15 27.23
C ASP B 224 7.23 28.50 27.24
N ASP B 225 6.92 29.78 27.17
CA ASP B 225 5.52 30.21 27.07
C ASP B 225 4.83 29.92 25.71
N HIS B 226 5.53 29.40 24.70
CA HIS B 226 4.89 28.86 23.49
C HIS B 226 4.17 29.89 22.63
N LYS B 227 4.70 31.11 22.69
CA LYS B 227 4.18 32.21 21.93
C LYS B 227 5.02 32.49 20.67
N TRP B 228 6.23 31.96 20.59
CA TRP B 228 6.95 31.94 19.33
C TRP B 228 7.09 30.45 18.92
N VAL B 229 6.71 30.11 17.70
CA VAL B 229 6.65 28.75 17.28
C VAL B 229 7.01 28.65 15.82
N VAL B 230 7.87 27.73 15.47
CA VAL B 230 8.12 27.52 14.07
C VAL B 230 7.18 26.42 13.62
N LEU B 231 6.60 26.60 12.44
CA LEU B 231 5.72 25.59 11.85
C LEU B 231 6.19 25.27 10.45
N GLY B 232 6.49 24.00 10.19
CA GLY B 232 6.84 23.51 8.86
C GLY B 232 5.75 22.55 8.42
N ARG B 233 5.19 22.83 7.22
CA ARG B 233 4.18 22.01 6.55
C ARG B 233 4.77 21.43 5.30
N THR B 234 4.30 20.25 4.92
CA THR B 234 4.62 19.75 3.58
C THR B 234 3.43 19.01 3.00
N ARG B 235 3.32 19.01 1.69
CA ARG B 235 2.26 18.31 0.99
C ARG B 235 2.85 17.64 -0.26
N TRP B 236 2.48 16.37 -0.46
CA TRP B 236 3.13 15.54 -1.48
C TRP B 236 2.12 14.68 -2.20
N GLY B 237 1.99 14.88 -3.49
CA GLY B 237 1.22 13.97 -4.30
C GLY B 237 1.87 13.25 -5.46
N TYR B 238 1.54 11.98 -5.58
CA TYR B 238 1.94 11.20 -6.72
C TYR B 238 0.90 10.11 -7.12
N GLY B 239 0.42 10.13 -8.36
CA GLY B 239 -0.25 9.01 -8.95
C GLY B 239 0.15 8.70 -10.39
N ASP B 240 -0.08 7.45 -10.80
CA ASP B 240 0.12 7.10 -12.18
C ASP B 240 -0.73 5.90 -12.67
N GLY B 241 -0.69 5.65 -13.99
CA GLY B 241 -1.39 4.53 -14.51
C GLY B 241 -0.63 3.25 -14.29
N LEU B 242 -1.32 2.13 -14.49
CA LEU B 242 -0.75 0.78 -14.35
C LEU B 242 -0.73 -0.07 -15.61
N GLY B 243 -1.63 0.11 -16.57
CA GLY B 243 -1.48 -0.66 -17.85
C GLY B 243 -0.60 0.23 -18.67
N GLY B 244 -1.01 0.55 -19.87
CA GLY B 244 -0.52 1.77 -20.46
C GLY B 244 -1.46 2.91 -20.14
N LYS B 245 -2.40 2.77 -19.20
CA LYS B 245 -3.34 3.88 -18.97
C LYS B 245 -2.74 5.02 -18.12
N GLU B 246 -3.26 6.23 -18.24
CA GLU B 246 -2.87 7.27 -17.26
C GLU B 246 -3.83 7.31 -16.10
N MET B 247 -3.36 7.80 -14.98
CA MET B 247 -4.25 8.38 -14.00
C MET B 247 -5.15 9.37 -14.73
N PRO B 248 -6.50 9.33 -14.43
CA PRO B 248 -7.45 10.26 -15.05
C PRO B 248 -7.22 11.67 -14.56
N PHE B 249 -7.14 12.63 -15.47
CA PHE B 249 -7.04 14.07 -15.16
C PHE B 249 -8.02 14.58 -14.11
N TYR B 250 -9.16 13.92 -13.96
CA TYR B 250 -10.13 14.40 -12.96
C TYR B 250 -9.63 14.14 -11.52
N GLU B 251 -8.54 13.38 -11.35
CA GLU B 251 -7.93 13.10 -10.06
C GLU B 251 -6.59 13.84 -9.90
N ASN B 252 -6.23 14.72 -10.84
CA ASN B 252 -5.03 15.51 -10.70
C ASN B 252 -4.89 16.29 -9.36
N PHE B 253 -3.61 16.58 -9.08
CA PHE B 253 -3.20 17.46 -8.01
C PHE B 253 -3.06 18.90 -8.49
N TYR B 254 -3.34 19.84 -7.58
CA TYR B 254 -3.35 21.27 -7.82
C TYR B 254 -2.54 21.94 -6.73
N ALA B 255 -2.28 23.22 -6.92
CA ALA B 255 -1.48 23.94 -5.97
C ALA B 255 -1.61 25.40 -6.25
N GLY B 256 -1.53 26.18 -5.19
CA GLY B 256 -1.71 27.64 -5.25
C GLY B 256 -2.99 27.92 -4.53
N GLY B 257 -3.04 29.01 -3.77
CA GLY B 257 -4.23 29.38 -2.98
C GLY B 257 -3.95 29.37 -1.49
N SER B 258 -4.97 29.77 -0.72
CA SER B 258 -4.88 29.95 0.74
C SER B 258 -4.25 28.78 1.54
N SER B 259 -4.57 27.56 1.15
CA SER B 259 -4.20 26.42 1.92
C SER B 259 -3.02 25.71 1.39
N THR B 260 -2.44 26.13 0.27
CA THR B 260 -1.22 25.51 -0.24
C THR B 260 -0.10 26.53 -0.50
N VAL B 261 -0.17 27.39 -1.51
CA VAL B 261 0.89 28.40 -1.71
C VAL B 261 0.23 29.73 -1.74
N ARG B 262 0.28 30.46 -0.64
CA ARG B 262 -0.31 31.81 -0.64
C ARG B 262 0.27 32.74 -1.65
N GLY B 263 -0.47 33.78 -1.97
CA GLY B 263 -0.03 34.68 -3.02
C GLY B 263 -0.30 34.18 -4.42
N PHE B 264 -0.77 32.94 -4.60
CA PHE B 264 -1.08 32.42 -5.96
C PHE B 264 -2.56 32.17 -6.08
N GLN B 265 -3.15 32.46 -7.24
CA GLN B 265 -4.64 32.19 -7.48
C GLN B 265 -4.90 30.71 -7.35
N SER B 266 -6.07 30.30 -6.89
CA SER B 266 -6.25 28.89 -6.62
C SER B 266 -6.01 28.04 -7.84
N ASN B 267 -5.24 26.97 -7.63
CA ASN B 267 -4.89 25.95 -8.63
C ASN B 267 -4.01 26.35 -9.83
N THR B 268 -3.53 27.58 -9.87
CA THR B 268 -2.91 28.12 -11.03
C THR B 268 -1.61 27.45 -11.24
N ILE B 269 -0.98 26.95 -10.20
CA ILE B 269 0.37 26.27 -10.35
C ILE B 269 0.47 24.98 -11.21
N GLY B 270 1.41 25.00 -12.17
CA GLY B 270 1.89 23.85 -12.86
C GLY B 270 1.54 23.88 -14.32
N PRO B 271 1.20 22.73 -14.87
CA PRO B 271 0.96 22.68 -16.28
C PRO B 271 -0.15 23.58 -16.73
N LYS B 272 -0.11 24.03 -17.98
CA LYS B 272 -1.21 24.77 -18.55
C LYS B 272 -1.70 24.05 -19.79
N ALA B 273 -2.95 24.32 -20.11
CA ALA B 273 -3.54 23.59 -21.17
C ALA B 273 -2.93 24.03 -22.47
N VAL B 274 -2.74 23.10 -23.38
CA VAL B 274 -2.39 23.40 -24.72
C VAL B 274 -3.53 22.87 -25.58
N TYR B 275 -4.25 23.84 -26.22
CA TYR B 275 -5.53 23.60 -26.89
C TYR B 275 -5.26 23.27 -28.35
N PHE B 276 -6.04 22.34 -28.93
CA PHE B 276 -6.01 22.10 -30.40
C PHE B 276 -6.78 23.25 -31.08
N PRO B 277 -6.65 23.45 -32.41
CA PRO B 277 -7.49 24.51 -33.04
C PRO B 277 -8.91 24.00 -33.43
N HIS B 278 -9.90 24.92 -33.51
CA HIS B 278 -11.17 24.70 -34.20
C HIS B 278 -10.97 25.59 -35.40
N LEU B 300 -2.10 24.71 -33.00
CA LEU B 300 -2.06 24.59 -31.51
C LEU B 300 -1.78 25.90 -30.75
N SER B 301 -2.34 25.96 -29.53
CA SER B 301 -2.48 27.17 -28.71
C SER B 301 -2.01 26.96 -27.25
N LYS B 302 -0.95 27.69 -26.88
CA LYS B 302 -0.58 27.92 -25.45
C LYS B 302 -1.72 28.71 -24.73
N SER B 303 -1.82 28.54 -23.41
CA SER B 303 -2.84 29.22 -22.63
C SER B 303 -2.33 29.36 -21.21
N ASP B 304 -3.05 30.19 -20.44
CA ASP B 304 -2.81 30.39 -19.00
C ASP B 304 -3.84 29.64 -18.12
N ASP B 305 -4.54 28.67 -18.68
CA ASP B 305 -5.53 27.87 -17.92
C ASP B 305 -4.88 26.62 -17.35
N ALA B 306 -4.87 26.54 -16.01
CA ALA B 306 -4.19 25.37 -15.33
C ALA B 306 -4.96 24.10 -15.52
N VAL B 307 -4.23 22.99 -15.57
CA VAL B 307 -4.84 21.64 -15.67
C VAL B 307 -4.38 20.72 -14.56
N GLY B 308 -3.50 21.19 -13.69
CA GLY B 308 -2.91 20.29 -12.73
C GLY B 308 -2.04 19.20 -13.34
N GLY B 309 -1.73 18.27 -12.47
CA GLY B 309 -0.94 17.13 -12.84
C GLY B 309 -0.88 16.00 -11.88
N ASN B 310 -0.16 14.96 -12.29
CA ASN B 310 -0.18 13.71 -11.55
C ASN B 310 0.89 13.63 -10.46
N ALA B 311 1.66 14.72 -10.28
CA ALA B 311 2.68 14.84 -9.30
C ALA B 311 2.74 16.27 -8.74
N MET B 312 3.02 16.39 -7.43
CA MET B 312 2.89 17.69 -6.77
C MET B 312 3.70 17.71 -5.49
N ALA B 313 4.30 18.87 -5.19
CA ALA B 313 4.98 19.04 -3.91
C ALA B 313 4.84 20.48 -3.50
N VAL B 314 4.53 20.69 -2.23
CA VAL B 314 4.31 21.96 -1.61
C VAL B 314 5.04 21.92 -0.29
N ALA B 315 5.65 23.04 0.14
CA ALA B 315 6.19 23.16 1.49
C ALA B 315 6.14 24.65 1.97
N SER B 316 6.11 24.80 3.29
CA SER B 316 5.98 26.07 3.90
C SER B 316 6.72 26.11 5.22
N LEU B 317 7.32 27.28 5.47
CA LEU B 317 7.85 27.59 6.74
C LEU B 317 7.19 28.87 7.25
N GLU B 318 6.70 28.81 8.49
CA GLU B 318 5.85 29.84 9.06
C GLU B 318 6.36 30.16 10.49
N PHE B 319 6.55 31.47 10.77
CA PHE B 319 7.00 31.96 12.10
C PHE B 319 5.80 32.55 12.78
N ILE B 320 5.41 31.93 13.88
CA ILE B 320 4.24 32.30 14.64
C ILE B 320 4.81 33.20 15.74
N THR B 321 4.16 34.31 15.96
CA THR B 321 4.72 35.28 16.85
C THR B 321 3.60 35.85 17.64
N PRO B 322 3.88 36.36 18.82
CA PRO B 322 2.83 37.17 19.42
C PRO B 322 2.31 38.23 18.43
N THR B 323 1.05 38.63 18.59
CA THR B 323 0.42 39.65 17.73
C THR B 323 0.57 41.07 18.37
N PRO B 324 1.11 42.06 17.64
CA PRO B 324 1.32 43.38 18.28
C PRO B 324 0.04 44.20 18.50
N PHE B 325 0.08 45.14 19.45
CA PHE B 325 -1.06 45.99 19.84
C PHE B 325 -2.41 45.26 20.27
N ILE B 326 -2.31 44.11 20.95
CA ILE B 326 -3.48 43.37 21.44
C ILE B 326 -3.31 43.00 22.92
N SER B 327 -4.22 43.49 23.76
CA SER B 327 -4.21 43.17 25.21
C SER B 327 -4.06 41.66 25.38
N ASP B 328 -3.41 41.23 26.46
CA ASP B 328 -3.18 39.78 26.66
C ASP B 328 -4.42 38.91 27.08
N LYS B 329 -5.64 39.47 26.96
CA LYS B 329 -6.91 38.75 27.17
C LYS B 329 -7.35 38.10 25.85
N TYR B 330 -7.18 38.85 24.76
CA TYR B 330 -7.46 38.38 23.40
C TYR B 330 -6.24 37.71 22.75
N ALA B 331 -5.06 37.80 23.37
CA ALA B 331 -3.92 36.97 22.96
C ALA B 331 -4.40 35.56 23.19
N ASN B 332 -4.49 34.76 22.14
CA ASN B 332 -5.18 33.42 22.17
C ASN B 332 -6.48 33.40 21.32
N SER B 333 -7.15 34.53 21.16
CA SER B 333 -8.21 34.66 20.16
C SER B 333 -7.57 34.99 18.81
N VAL B 334 -6.44 35.70 18.77
CA VAL B 334 -5.80 36.05 17.51
C VAL B 334 -4.43 35.36 17.33
N ARG B 335 -3.99 35.15 16.10
CA ARG B 335 -2.63 34.62 15.83
C ARG B 335 -2.10 35.13 14.49
N THR B 336 -0.82 35.50 14.51
CA THR B 336 -0.11 36.14 13.41
C THR B 336 1.16 35.35 13.12
N SER B 337 1.56 35.44 11.86
CA SER B 337 2.61 34.63 11.34
C SER B 337 3.20 35.25 10.08
N PHE B 338 4.49 34.97 9.87
CA PHE B 338 5.23 35.31 8.62
C PHE B 338 5.59 33.98 7.95
N PHE B 339 5.41 33.91 6.62
CA PHE B 339 5.60 32.64 5.95
C PHE B 339 6.39 32.76 4.66
N TRP B 340 7.05 31.65 4.35
CA TRP B 340 7.67 31.37 3.08
C TRP B 340 7.01 30.06 2.55
N ASP B 341 6.09 30.19 1.60
CA ASP B 341 5.44 29.11 0.89
C ASP B 341 6.16 28.79 -0.43
N MET B 342 6.07 27.52 -0.84
CA MET B 342 6.65 27.03 -2.09
C MET B 342 6.06 25.74 -2.60
N GLY B 343 6.06 25.59 -3.91
CA GLY B 343 5.56 24.36 -4.48
C GLY B 343 5.59 24.29 -5.97
N THR B 344 5.23 23.09 -6.42
CA THR B 344 5.34 22.75 -7.83
C THR B 344 4.38 21.62 -8.20
N VAL B 345 3.98 21.58 -9.48
CA VAL B 345 3.20 20.51 -10.05
C VAL B 345 3.73 20.15 -11.41
N TRP B 346 3.67 18.86 -11.75
CA TRP B 346 4.08 18.49 -13.06
C TRP B 346 3.35 17.30 -13.60
N ASP B 347 3.47 17.12 -14.89
CA ASP B 347 2.89 16.11 -15.68
C ASP B 347 4.02 15.12 -15.95
N THR B 348 4.08 13.99 -15.25
CA THR B 348 5.17 12.98 -15.57
C THR B 348 5.03 12.35 -16.95
N ASN B 349 3.84 12.43 -17.60
CA ASN B 349 3.62 11.92 -18.96
C ASN B 349 3.66 12.94 -20.14
N TRP B 350 3.82 14.21 -19.83
CA TRP B 350 4.03 15.18 -20.88
C TRP B 350 5.27 14.81 -21.72
N ASP B 351 5.14 14.79 -23.03
CA ASP B 351 6.20 14.37 -23.92
C ASP B 351 6.81 15.65 -24.52
N SER B 352 7.89 16.10 -23.89
CA SER B 352 8.56 17.35 -24.18
C SER B 352 9.28 17.38 -25.52
N SER B 353 9.65 16.20 -26.00
CA SER B 353 10.27 16.10 -27.33
C SER B 353 9.26 16.47 -28.41
N GLN B 354 8.14 15.76 -28.40
CA GLN B 354 7.02 16.01 -29.31
C GLN B 354 6.44 17.44 -29.16
N TYR B 355 6.42 18.00 -27.98
CA TYR B 355 6.04 19.38 -27.87
C TYR B 355 7.23 20.31 -27.53
N SER B 356 8.33 20.06 -28.24
CA SER B 356 9.51 20.88 -28.30
C SER B 356 9.19 22.36 -28.16
N GLY B 357 8.18 22.88 -28.87
CA GLY B 357 7.93 24.34 -28.89
C GLY B 357 6.91 24.87 -27.88
N TYR B 358 6.82 24.15 -26.77
CA TYR B 358 5.85 24.38 -25.68
C TYR B 358 6.66 24.23 -24.37
N PRO B 359 6.24 24.83 -23.27
CA PRO B 359 7.07 24.65 -22.10
C PRO B 359 7.05 23.18 -21.64
N ASP B 360 8.18 22.73 -21.09
CA ASP B 360 8.30 21.35 -20.66
C ASP B 360 7.52 21.24 -19.36
N TYR B 361 6.27 20.79 -19.45
CA TYR B 361 5.44 20.62 -18.24
C TYR B 361 5.73 19.28 -17.52
N SER B 362 6.77 18.56 -17.91
CA SER B 362 7.28 17.42 -17.09
C SER B 362 8.35 17.82 -16.10
N ASP B 363 9.00 18.97 -16.29
CA ASP B 363 10.00 19.47 -15.36
C ASP B 363 9.41 19.74 -13.95
N PRO B 364 9.82 18.91 -12.95
CA PRO B 364 9.44 19.20 -11.55
C PRO B 364 10.10 20.49 -11.02
N SER B 365 11.19 20.94 -11.62
CA SER B 365 11.99 21.95 -11.01
C SER B 365 11.43 23.37 -11.11
N ASN B 366 10.26 23.61 -11.70
CA ASN B 366 9.80 25.02 -11.75
C ASN B 366 9.11 25.30 -10.39
N ILE B 367 9.90 25.71 -9.37
CA ILE B 367 9.37 25.84 -8.04
C ILE B 367 8.85 27.24 -7.79
N ARG B 368 7.58 27.36 -7.38
CA ARG B 368 7.01 28.68 -7.07
C ARG B 368 7.33 28.99 -5.63
N MET B 369 7.44 30.26 -5.30
CA MET B 369 7.62 30.68 -3.94
C MET B 369 6.90 32.00 -3.71
N SER B 370 6.46 32.17 -2.47
CA SER B 370 5.88 33.40 -2.00
C SER B 370 6.33 33.63 -0.57
N ALA B 371 6.18 34.89 -0.15
CA ALA B 371 6.47 35.28 1.23
C ALA B 371 5.36 36.21 1.67
N GLY B 372 4.85 36.02 2.90
CA GLY B 372 3.81 36.92 3.35
C GLY B 372 3.58 36.98 4.82
N ILE B 373 2.41 37.46 5.17
CA ILE B 373 1.98 37.61 6.55
C ILE B 373 0.63 36.94 6.67
N ALA B 374 0.26 36.44 7.86
CA ALA B 374 -1.05 35.75 8.04
C ALA B 374 -1.69 36.07 9.37
N LEU B 375 -3.01 36.20 9.36
CA LEU B 375 -3.70 36.63 10.54
C LEU B 375 -4.91 35.76 10.68
N GLN B 376 -5.04 35.17 11.86
CA GLN B 376 -6.16 34.32 12.17
C GLN B 376 -6.87 34.92 13.33
N TRP B 377 -8.21 34.88 13.35
CA TRP B 377 -8.89 35.34 14.53
C TRP B 377 -10.06 34.65 15.22
N MET B 378 -10.81 33.68 14.80
CA MET B 378 -11.85 33.23 15.84
C MET B 378 -12.69 34.48 16.33
N SER B 379 -13.20 35.17 15.34
CA SER B 379 -13.97 36.35 15.45
C SER B 379 -15.43 36.05 15.92
N PRO B 380 -16.24 37.15 16.21
CA PRO B 380 -17.69 37.00 16.56
C PRO B 380 -18.49 36.25 15.47
N LEU B 381 -18.05 36.40 14.20
CA LEU B 381 -18.65 35.76 13.01
C LEU B 381 -18.00 34.43 12.64
N GLY B 382 -17.23 33.84 13.58
CA GLY B 382 -16.53 32.54 13.36
C GLY B 382 -15.08 32.67 12.91
N PRO B 383 -14.43 31.55 12.62
CA PRO B 383 -13.08 31.54 12.05
C PRO B 383 -12.85 32.48 10.85
N LEU B 384 -11.73 33.19 10.89
CA LEU B 384 -11.39 34.26 9.96
C LEU B 384 -9.89 34.22 9.69
N VAL B 385 -9.50 34.29 8.41
CA VAL B 385 -8.10 34.06 7.99
C VAL B 385 -7.72 34.93 6.82
N PHE B 386 -6.70 35.78 7.04
CA PHE B 386 -6.28 36.91 6.18
C PHE B 386 -4.85 36.53 5.79
N SER B 387 -4.57 36.50 4.50
CA SER B 387 -3.21 36.26 3.99
C SER B 387 -2.93 37.48 3.13
N TYR B 388 -1.72 38.04 3.29
CA TYR B 388 -1.14 38.90 2.25
C TYR B 388 0.23 38.41 1.95
N ALA B 389 0.45 38.03 0.69
CA ALA B 389 1.69 37.38 0.25
C ALA B 389 2.14 37.94 -1.07
N GLN B 390 3.45 38.10 -1.26
CA GLN B 390 3.98 38.32 -2.61
C GLN B 390 4.59 37.03 -3.16
N PRO B 391 4.21 36.64 -4.39
CA PRO B 391 4.90 35.53 -5.02
C PRO B 391 6.15 36.05 -5.72
N PHE B 392 7.30 35.93 -5.05
CA PHE B 392 8.59 36.34 -5.65
C PHE B 392 9.18 35.32 -6.64
N LYS B 393 8.62 34.12 -6.77
CA LYS B 393 9.02 33.24 -7.87
C LYS B 393 7.80 32.54 -8.52
N LYS B 394 7.63 32.85 -9.82
CA LYS B 394 6.38 32.77 -10.57
C LYS B 394 6.78 32.63 -12.04
N TYR B 395 6.12 31.71 -12.73
CA TYR B 395 6.44 31.31 -14.11
C TYR B 395 5.32 31.69 -15.09
N ASP B 396 5.70 31.83 -16.35
CA ASP B 396 4.77 32.08 -17.47
C ASP B 396 3.49 31.26 -17.31
N GLY B 397 2.37 32.00 -17.27
CA GLY B 397 1.07 31.46 -17.03
C GLY B 397 0.55 31.73 -15.64
N ASP B 398 1.38 31.66 -14.60
CA ASP B 398 0.94 31.75 -13.20
C ASP B 398 0.27 33.09 -12.82
N LYS B 399 -0.86 32.96 -12.15
CA LYS B 399 -1.78 34.06 -11.87
C LYS B 399 -1.66 34.46 -10.41
N ALA B 400 -1.38 35.73 -10.17
CA ALA B 400 -1.11 36.18 -8.81
C ALA B 400 -2.41 36.31 -8.03
N GLU B 401 -2.32 36.06 -6.73
CA GLU B 401 -3.36 36.49 -5.81
C GLU B 401 -2.81 36.82 -4.42
N GLN B 402 -2.52 38.12 -4.19
CA GLN B 402 -1.84 38.56 -2.96
C GLN B 402 -2.79 38.43 -1.78
N PHE B 403 -3.92 39.11 -1.90
CA PHE B 403 -4.94 39.18 -0.84
C PHE B 403 -5.80 37.89 -0.85
N GLN B 404 -5.75 37.12 0.23
CA GLN B 404 -6.52 35.91 0.33
C GLN B 404 -7.18 35.83 1.72
N PHE B 405 -8.43 35.38 1.73
CA PHE B 405 -9.31 35.56 2.87
C PHE B 405 -10.30 34.40 2.99
N ASN B 406 -10.64 34.03 4.22
CA ASN B 406 -11.57 32.92 4.47
C ASN B 406 -12.36 33.22 5.74
N ILE B 407 -13.68 33.09 5.66
CA ILE B 407 -14.53 33.17 6.84
C ILE B 407 -15.65 32.11 6.74
N GLY B 408 -16.22 31.74 7.86
CA GLY B 408 -17.32 30.83 7.87
C GLY B 408 -17.75 30.49 9.25
N LYS B 409 -19.02 30.12 9.39
CA LYS B 409 -19.60 29.78 10.69
C LYS B 409 -20.63 28.72 10.51
N THR B 410 -20.79 27.88 11.53
CA THR B 410 -21.60 26.66 11.51
C THR B 410 -22.44 26.57 12.77
N TRP B 411 -23.79 26.56 12.63
CA TRP B 411 -24.72 26.32 13.74
C TRP B 411 -25.11 24.80 13.82
N MET B 412 -25.28 24.27 15.04
CA MET B 412 -25.73 22.92 15.21
C MET B 412 -26.83 22.91 16.22
N GLU B 413 -28.08 22.64 15.81
CA GLU B 413 -29.24 22.55 16.75
C GLU B 413 -29.62 21.06 17.00
N ASN B 414 -29.81 20.67 18.27
CA ASN B 414 -30.12 19.28 18.70
C ASN B 414 -31.59 19.02 19.05
N VAL B 415 -32.03 17.78 18.88
CA VAL B 415 -33.39 17.37 19.30
C VAL B 415 -33.24 15.96 19.83
N ALA B 416 -33.82 15.63 20.98
CA ALA B 416 -33.83 14.23 21.44
C ALA B 416 -34.86 13.45 20.65
N LEU B 417 -34.44 12.35 20.04
CA LEU B 417 -35.36 11.44 19.30
C LEU B 417 -35.46 10.06 19.98
N ASP B 418 -35.61 10.06 21.30
CA ASP B 418 -35.50 8.84 22.08
C ASP B 418 -36.62 7.80 21.91
N PHE B 419 -36.32 6.55 22.29
CA PHE B 419 -37.23 5.40 22.15
C PHE B 419 -37.99 5.01 23.41
N SER B 420 -38.17 5.94 24.31
CA SER B 420 -39.31 5.87 25.20
C SER B 420 -39.55 7.26 25.71
#